data_2OSW
#
_entry.id   2OSW
#
_cell.length_a   53.750
_cell.length_b   92.941
_cell.length_c   94.545
_cell.angle_alpha   90.000
_cell.angle_beta   98.550
_cell.angle_gamma   90.000
#
_symmetry.space_group_name_H-M   'P 1 21 1'
#
loop_
_entity.id
_entity.type
_entity.pdbx_description
1 polymer 'Endoglycoceramidase II'
2 non-polymer 'SODIUM ION'
3 non-polymer 2-AMINO-2-HYDROXYMETHYL-PROPANE-1,3-DIOL
4 water water
#
_entity_poly.entity_id   1
_entity_poly.type   'polypeptide(L)'
_entity_poly.pdbx_seq_one_letter_code
;MGSSHHHHHHSSGLVPRGSHMSGSGSGSGTALTPSYLKDDDGRSLILRGFNTASSAKSAPDGMPQFTEADLAREYADMGT
NFVRFLISWRSVEPAPGVYDQQYLDRVEDRVGWYAERGYKVMLDMHQDVYSGAITPEGNSGNGAGAIGNGAPAWATYMDG
LPVEPQPRWELYYIQPGVMRAFDNFWNTTGKHPELVEHYAKAWRAVADRFADNDAVVAYDLMNEPFGGSLQGPAFEAGPL
AAMYQRTTDAIRQVDQDTWVCVAPQAIGVNQGLPSGLTKIDDPRAGQQRIAYCPHLYPLPLDIGDGHEGLARTLTDVTID
AWRANTAHTARVLGDVPIILGEFGLDTTLPGARDYIERVYGTAREMGAGVSYWSSDPGPWGPYLPDGTQTLLVDTLNKPY
PRAVAGTPTEWSSTSDRLQLTIEPDAAITAPTEIYLPEAGFPGDVHVEGADVVGWDRQSRLLTVRTPADSGNVTVTVTPA
A
;
_entity_poly.pdbx_strand_id   A,B
#
# COMPACT_ATOMS: atom_id res chain seq x y z
N PRO A 34 10.83 20.11 22.82
CA PRO A 34 11.43 19.16 21.88
C PRO A 34 10.82 19.19 20.47
N SER A 35 11.60 18.74 19.50
CA SER A 35 11.17 18.65 18.10
CA SER A 35 11.12 18.65 18.13
C SER A 35 10.90 17.19 17.74
N TYR A 36 10.04 16.98 16.75
CA TYR A 36 9.61 15.64 16.35
C TYR A 36 9.75 15.38 14.86
N LEU A 37 10.05 14.13 14.50
CA LEU A 37 9.85 13.69 13.12
C LEU A 37 8.35 13.75 12.83
N LYS A 38 7.99 13.99 11.58
CA LYS A 38 6.58 14.06 11.18
C LYS A 38 6.26 13.03 10.10
N ASP A 39 5.02 12.55 10.07
CA ASP A 39 4.55 11.73 8.96
C ASP A 39 4.11 12.64 7.82
N ASP A 40 3.63 12.03 6.72
CA ASP A 40 3.18 12.80 5.54
C ASP A 40 1.97 13.69 5.81
N ASP A 41 1.23 13.42 6.89
CA ASP A 41 0.07 14.23 7.29
C ASP A 41 0.48 15.37 8.23
N GLY A 42 1.77 15.49 8.53
CA GLY A 42 2.26 16.54 9.41
C GLY A 42 2.13 16.24 10.90
N ARG A 43 1.74 15.01 11.24
CA ARG A 43 1.60 14.60 12.64
C ARG A 43 2.96 14.32 13.26
N SER A 44 3.10 14.67 14.54
CA SER A 44 4.34 14.46 15.27
C SER A 44 4.41 13.01 15.77
N LEU A 45 5.53 12.35 15.50
CA LEU A 45 5.66 10.91 15.74
C LEU A 45 6.34 10.59 17.08
N ILE A 46 5.69 9.75 17.87
CA ILE A 46 6.31 9.20 19.09
C ILE A 46 6.61 7.75 18.77
N LEU A 47 7.91 7.47 18.67
CA LEU A 47 8.40 6.21 18.09
C LEU A 47 8.83 5.24 19.19
N ARG A 48 8.30 4.03 19.13
CA ARG A 48 8.54 3.01 20.13
C ARG A 48 8.72 1.64 19.48
N GLY A 49 9.91 1.09 19.64
CA GLY A 49 10.16 -0.23 19.06
C GLY A 49 11.48 -0.82 19.48
N PHE A 50 11.98 -1.70 18.60
CA PHE A 50 13.19 -2.48 18.85
C PHE A 50 14.21 -2.30 17.75
N ASN A 51 15.46 -2.61 18.11
CA ASN A 51 16.48 -2.97 17.15
C ASN A 51 16.25 -4.39 16.66
N THR A 52 16.13 -4.56 15.35
CA THR A 52 15.93 -5.87 14.75
C THR A 52 16.90 -6.01 13.57
N ALA A 53 17.91 -6.87 13.68
CA ALA A 53 18.26 -7.63 14.89
C ALA A 53 19.74 -7.95 14.82
N SER A 54 20.33 -8.23 15.98
CA SER A 54 21.74 -8.59 16.06
C SER A 54 22.06 -9.81 15.20
N SER A 55 21.07 -10.69 15.03
CA SER A 55 21.24 -11.90 14.22
C SER A 55 21.58 -11.61 12.75
N ALA A 56 21.28 -10.39 12.30
CA ALA A 56 21.63 -9.96 10.93
C ALA A 56 23.15 -9.79 10.72
N LYS A 57 23.87 -9.47 11.80
CA LYS A 57 25.28 -9.10 11.71
C LYS A 57 26.14 -10.11 10.94
N SER A 58 25.91 -11.40 11.19
CA SER A 58 26.72 -12.46 10.58
C SER A 58 25.93 -13.38 9.64
N ALA A 59 24.65 -13.10 9.44
CA ALA A 59 23.85 -13.87 8.49
C ALA A 59 24.45 -13.73 7.08
N PRO A 60 24.81 -14.85 6.44
CA PRO A 60 25.34 -14.77 5.07
C PRO A 60 24.53 -13.88 4.11
N ASP A 61 23.20 -13.93 4.18
CA ASP A 61 22.33 -13.13 3.30
C ASP A 61 21.98 -11.75 3.88
N GLY A 62 22.55 -11.42 5.02
CA GLY A 62 22.40 -10.09 5.62
C GLY A 62 21.09 -9.83 6.34
N MET A 63 20.22 -10.83 6.41
CA MET A 63 18.89 -10.70 7.03
CA MET A 63 18.91 -10.67 7.04
C MET A 63 18.87 -11.21 8.47
N PRO A 64 18.05 -10.58 9.33
CA PRO A 64 17.94 -11.10 10.70
C PRO A 64 17.14 -12.40 10.73
N GLN A 65 17.32 -13.18 11.78
CA GLN A 65 16.49 -14.35 12.04
C GLN A 65 15.23 -13.84 12.72
N PHE A 66 14.33 -13.34 11.89
CA PHE A 66 13.13 -12.65 12.37
C PHE A 66 12.14 -12.78 11.24
N THR A 67 10.96 -13.33 11.56
CA THR A 67 9.94 -13.63 10.57
C THR A 67 8.78 -12.66 10.69
N GLU A 68 7.87 -12.72 9.71
CA GLU A 68 6.65 -11.93 9.73
C GLU A 68 5.78 -12.32 10.93
N ALA A 69 5.76 -13.61 11.27
CA ALA A 69 5.08 -14.09 12.46
C ALA A 69 5.68 -13.51 13.75
N ASP A 70 7.00 -13.34 13.78
CA ASP A 70 7.65 -12.71 14.93
C ASP A 70 7.18 -11.25 15.07
N LEU A 71 7.05 -10.56 13.95
CA LEU A 71 6.59 -9.16 14.00
C LEU A 71 5.14 -9.11 14.47
N ALA A 72 4.32 -10.02 13.97
CA ALA A 72 2.92 -10.11 14.41
C ALA A 72 2.84 -10.28 15.93
N ARG A 73 3.70 -11.13 16.49
CA ARG A 73 3.76 -11.35 17.93
C ARG A 73 4.15 -10.06 18.66
N GLU A 74 5.24 -9.43 18.19
CA GLU A 74 5.68 -8.16 18.76
C GLU A 74 4.55 -7.14 18.80
N TYR A 75 3.86 -6.98 17.67
CA TYR A 75 2.80 -5.99 17.59
C TYR A 75 1.65 -6.35 18.51
N ALA A 76 1.26 -7.62 18.52
CA ALA A 76 0.15 -8.08 19.35
C ALA A 76 0.44 -7.89 20.84
N ASP A 77 1.70 -8.07 21.23
CA ASP A 77 2.07 -8.08 22.64
C ASP A 77 2.43 -6.70 23.17
N MET A 78 2.97 -5.83 22.31
CA MET A 78 3.48 -4.54 22.75
C MET A 78 3.04 -3.33 21.94
N GLY A 79 2.40 -3.54 20.79
CA GLY A 79 1.86 -2.44 19.99
C GLY A 79 2.88 -1.41 19.54
N THR A 80 4.09 -1.87 19.27
CA THR A 80 5.17 -1.01 18.80
C THR A 80 4.89 -0.41 17.41
N ASN A 81 5.52 0.72 17.10
CA ASN A 81 5.28 1.44 15.85
C ASN A 81 6.57 1.86 15.13
N PHE A 82 7.71 1.35 15.59
CA PHE A 82 9.02 1.76 15.10
C PHE A 82 9.93 0.55 15.08
N VAL A 83 10.92 0.59 14.19
CA VAL A 83 12.01 -0.37 14.23
C VAL A 83 13.28 0.30 13.73
N ARG A 84 14.39 0.01 14.41
CA ARG A 84 15.73 0.30 13.92
C ARG A 84 16.19 -1.01 13.28
N PHE A 85 16.14 -1.05 11.95
CA PHE A 85 16.40 -2.26 11.19
C PHE A 85 17.84 -2.27 10.72
N LEU A 86 18.59 -3.29 11.13
CA LEU A 86 20.01 -3.39 10.83
C LEU A 86 20.25 -3.77 9.37
N ILE A 87 20.99 -2.92 8.65
CA ILE A 87 21.55 -3.28 7.35
C ILE A 87 23.09 -3.23 7.45
N SER A 88 23.77 -3.62 6.39
CA SER A 88 25.24 -3.67 6.45
C SER A 88 25.88 -3.27 5.14
N TRP A 89 26.98 -2.54 5.25
CA TRP A 89 27.73 -2.08 4.10
C TRP A 89 28.22 -3.26 3.27
N ARG A 90 28.68 -4.32 3.95
CA ARG A 90 29.16 -5.54 3.27
C ARG A 90 28.09 -6.19 2.40
N SER A 91 26.83 -6.03 2.79
CA SER A 91 25.72 -6.57 2.02
C SER A 91 25.30 -5.64 0.88
N VAL A 92 25.36 -4.32 1.12
CA VAL A 92 25.04 -3.32 0.12
C VAL A 92 26.07 -3.28 -1.01
N GLU A 93 27.35 -3.30 -0.65
CA GLU A 93 28.44 -3.10 -1.61
C GLU A 93 29.48 -4.22 -1.50
N PRO A 94 29.13 -5.41 -2.02
CA PRO A 94 30.01 -6.58 -1.93
C PRO A 94 31.32 -6.46 -2.72
N ALA A 95 31.34 -5.58 -3.72
CA ALA A 95 32.58 -5.20 -4.42
C ALA A 95 32.58 -3.70 -4.64
N PRO A 96 33.78 -3.10 -4.76
CA PRO A 96 33.87 -1.65 -4.95
C PRO A 96 33.00 -1.16 -6.11
N GLY A 97 32.05 -0.27 -5.82
CA GLY A 97 31.18 0.33 -6.83
C GLY A 97 30.05 -0.55 -7.36
N VAL A 98 29.92 -1.75 -6.79
CA VAL A 98 28.90 -2.72 -7.22
C VAL A 98 27.91 -2.90 -6.08
N TYR A 99 26.64 -2.58 -6.32
CA TYR A 99 25.60 -2.68 -5.29
C TYR A 99 24.72 -3.89 -5.53
N ASP A 100 24.40 -4.60 -4.44
CA ASP A 100 23.64 -5.83 -4.52
C ASP A 100 22.15 -5.51 -4.44
N GLN A 101 21.49 -5.48 -5.59
CA GLN A 101 20.06 -5.15 -5.63
C GLN A 101 19.18 -6.28 -5.09
N GLN A 102 19.69 -7.51 -5.07
CA GLN A 102 18.97 -8.63 -4.49
CA GLN A 102 18.96 -8.62 -4.49
C GLN A 102 18.95 -8.51 -2.97
N TYR A 103 20.04 -8.01 -2.40
CA TYR A 103 20.07 -7.74 -0.96
C TYR A 103 19.04 -6.66 -0.65
N LEU A 104 19.04 -5.60 -1.44
CA LEU A 104 18.07 -4.51 -1.26
C LEU A 104 16.62 -4.99 -1.44
N ASP A 105 16.42 -5.98 -2.32
CA ASP A 105 15.10 -6.64 -2.44
C ASP A 105 14.70 -7.29 -1.12
N ARG A 106 15.65 -7.97 -0.48
CA ARG A 106 15.38 -8.66 0.78
C ARG A 106 15.03 -7.65 1.88
N VAL A 107 15.79 -6.55 1.95
CA VAL A 107 15.49 -5.49 2.92
C VAL A 107 14.08 -4.91 2.66
N GLU A 108 13.80 -4.61 1.39
CA GLU A 108 12.48 -4.10 1.00
C GLU A 108 11.35 -5.04 1.40
N ASP A 109 11.57 -6.35 1.26
CA ASP A 109 10.60 -7.36 1.67
CA ASP A 109 10.58 -7.34 1.68
C ASP A 109 10.28 -7.21 3.17
N ARG A 110 11.33 -7.10 3.98
CA ARG A 110 11.15 -6.95 5.42
C ARG A 110 10.46 -5.62 5.76
N VAL A 111 10.90 -4.53 5.13
CA VAL A 111 10.25 -3.23 5.31
C VAL A 111 8.74 -3.33 5.03
N GLY A 112 8.37 -4.12 4.02
CA GLY A 112 6.97 -4.38 3.71
C GLY A 112 6.17 -4.97 4.87
N TRP A 113 6.79 -5.87 5.63
CA TRP A 113 6.13 -6.46 6.79
C TRP A 113 5.79 -5.36 7.79
N TYR A 114 6.76 -4.51 8.05
CA TYR A 114 6.58 -3.37 8.94
C TYR A 114 5.52 -2.39 8.39
N ALA A 115 5.58 -2.10 7.09
CA ALA A 115 4.62 -1.20 6.45
C ALA A 115 3.19 -1.69 6.64
N GLU A 116 2.97 -2.99 6.45
CA GLU A 116 1.62 -3.58 6.54
C GLU A 116 1.00 -3.43 7.93
N ARG A 117 1.85 -3.30 8.95
CA ARG A 117 1.37 -3.18 10.34
C ARG A 117 1.50 -1.76 10.91
N GLY A 118 1.75 -0.80 10.03
CA GLY A 118 1.74 0.61 10.38
C GLY A 118 2.99 1.11 11.09
N TYR A 119 4.07 0.35 10.98
CA TYR A 119 5.37 0.75 11.55
C TYR A 119 6.05 1.81 10.69
N LYS A 120 6.90 2.61 11.34
CA LYS A 120 7.88 3.43 10.65
C LYS A 120 9.26 2.80 10.86
N VAL A 121 10.11 2.93 9.86
CA VAL A 121 11.37 2.20 9.80
C VAL A 121 12.58 3.14 9.73
N MET A 122 13.56 2.89 10.59
CA MET A 122 14.88 3.54 10.49
CA MET A 122 14.87 3.53 10.49
C MET A 122 15.89 2.49 10.06
N LEU A 123 16.56 2.73 8.93
CA LEU A 123 17.57 1.80 8.44
C LEU A 123 18.92 2.19 9.06
N ASP A 124 19.56 1.23 9.71
CA ASP A 124 20.80 1.46 10.47
C ASP A 124 21.94 0.78 9.74
N MET A 125 22.86 1.58 9.20
CA MET A 125 24.07 1.01 8.58
C MET A 125 24.98 0.55 9.73
N HIS A 126 24.85 -0.74 10.06
CA HIS A 126 25.38 -1.23 11.33
C HIS A 126 26.79 -1.79 11.21
N GLN A 127 27.62 -1.49 12.21
CA GLN A 127 28.93 -2.13 12.35
C GLN A 127 29.26 -2.25 13.84
N ASP A 128 30.01 -3.28 14.19
CA ASP A 128 30.72 -3.31 15.46
C ASP A 128 32.11 -3.85 15.17
N VAL A 129 33.13 -3.16 15.67
CA VAL A 129 34.53 -3.57 15.47
C VAL A 129 34.85 -3.67 13.97
N TYR A 130 34.27 -2.73 13.22
CA TYR A 130 34.54 -2.48 11.79
C TYR A 130 33.99 -3.48 10.78
N SER A 131 34.35 -4.75 10.92
CA SER A 131 34.08 -5.75 9.89
C SER A 131 34.24 -7.15 10.42
N GLY A 132 33.51 -8.10 9.83
CA GLY A 132 33.78 -9.52 10.06
C GLY A 132 35.20 -9.93 9.71
N ALA A 133 35.82 -9.20 8.77
CA ALA A 133 37.15 -9.53 8.26
C ALA A 133 38.33 -9.23 9.20
N ILE A 134 38.07 -8.87 10.45
CA ILE A 134 39.17 -8.53 11.38
C ILE A 134 39.89 -9.77 11.93
N THR A 135 39.31 -10.96 11.77
CA THR A 135 39.94 -12.21 12.19
C THR A 135 39.71 -13.33 11.19
N ALA A 146 31.82 -12.70 12.50
CA ALA A 146 32.47 -13.52 13.53
C ALA A 146 32.62 -12.75 14.84
N ILE A 147 33.60 -11.85 14.91
CA ILE A 147 33.75 -10.95 16.06
C ILE A 147 33.24 -9.57 15.66
N GLY A 148 33.76 -9.05 14.56
CA GLY A 148 33.26 -7.79 14.02
C GLY A 148 32.16 -8.00 13.00
N ASN A 149 31.57 -6.89 12.57
CA ASN A 149 30.57 -6.90 11.51
C ASN A 149 30.48 -5.51 10.90
N GLY A 150 30.11 -5.44 9.62
CA GLY A 150 29.83 -4.16 8.97
C GLY A 150 30.42 -3.99 7.58
N ALA A 151 31.69 -3.59 7.53
CA ALA A 151 32.34 -3.27 6.27
C ALA A 151 32.64 -4.52 5.47
N PRO A 152 32.64 -4.39 4.13
CA PRO A 152 33.07 -5.53 3.33
C PRO A 152 34.58 -5.78 3.50
N ALA A 153 34.99 -7.01 3.24
CA ALA A 153 36.40 -7.39 3.36
C ALA A 153 37.31 -6.51 2.51
N TRP A 154 36.85 -6.13 1.31
CA TRP A 154 37.67 -5.28 0.42
C TRP A 154 37.97 -3.91 1.01
N ALA A 155 37.10 -3.45 1.93
CA ALA A 155 37.24 -2.14 2.58
C ALA A 155 37.97 -2.22 3.92
N THR A 156 38.49 -3.40 4.26
CA THR A 156 39.15 -3.64 5.55
C THR A 156 40.66 -3.75 5.36
N TYR A 157 41.39 -2.73 5.80
CA TYR A 157 42.84 -2.67 5.66
C TYR A 157 43.51 -2.64 7.04
N MET A 158 43.89 -3.80 7.53
CA MET A 158 44.60 -3.92 8.81
C MET A 158 46.12 -3.88 8.64
N ASP A 159 46.58 -3.94 7.40
CA ASP A 159 48.01 -3.79 7.07
C ASP A 159 48.93 -4.75 7.84
N GLY A 160 48.43 -5.96 8.10
CA GLY A 160 49.19 -7.02 8.75
C GLY A 160 49.35 -6.86 10.26
N LEU A 161 48.70 -5.85 10.85
CA LEU A 161 48.81 -5.63 12.30
C LEU A 161 47.91 -6.61 13.06
N PRO A 162 48.35 -7.04 14.25
CA PRO A 162 47.69 -8.14 14.96
C PRO A 162 46.30 -7.81 15.52
N VAL A 163 45.45 -8.85 15.56
CA VAL A 163 44.19 -8.80 16.27
C VAL A 163 44.08 -10.10 17.09
N GLU A 164 44.68 -10.08 18.27
CA GLU A 164 44.70 -11.26 19.14
C GLU A 164 43.43 -11.38 19.98
N PRO A 165 43.04 -12.61 20.35
CA PRO A 165 41.86 -12.87 21.17
C PRO A 165 41.82 -12.07 22.48
N GLN A 166 40.64 -11.52 22.80
CA GLN A 166 40.44 -10.70 23.99
C GLN A 166 39.29 -11.27 24.83
N PRO A 167 39.32 -11.01 26.16
CA PRO A 167 38.31 -11.57 27.07
C PRO A 167 36.91 -10.94 26.99
N ARG A 168 36.81 -9.76 26.39
CA ARG A 168 35.53 -9.09 26.15
C ARG A 168 35.54 -8.53 24.73
N TRP A 169 34.44 -8.66 24.00
CA TRP A 169 34.43 -8.28 22.58
C TRP A 169 34.80 -6.81 22.34
N GLU A 170 34.42 -5.94 23.27
CA GLU A 170 34.68 -4.50 23.13
C GLU A 170 36.18 -4.19 23.03
N LEU A 171 37.00 -5.04 23.65
CA LEU A 171 38.46 -4.86 23.63
C LEU A 171 39.11 -5.17 22.28
N TYR A 172 38.39 -5.82 21.37
CA TYR A 172 38.88 -5.95 20.00
C TYR A 172 39.03 -4.58 19.32
N TYR A 173 38.22 -3.60 19.73
CA TYR A 173 38.28 -2.24 19.17
C TYR A 173 39.69 -1.62 19.24
N ILE A 174 40.42 -1.94 20.30
CA ILE A 174 41.72 -1.31 20.53
C ILE A 174 42.92 -2.15 20.08
N GLN A 175 42.67 -3.32 19.47
CA GLN A 175 43.77 -4.11 18.93
C GLN A 175 44.39 -3.43 17.70
N PRO A 176 45.72 -3.59 17.51
CA PRO A 176 46.43 -2.85 16.46
C PRO A 176 45.80 -2.92 15.07
N GLY A 177 45.41 -4.12 14.64
CA GLY A 177 44.81 -4.30 13.32
C GLY A 177 43.46 -3.61 13.18
N VAL A 178 42.70 -3.58 14.27
CA VAL A 178 41.37 -2.95 14.24
C VAL A 178 41.52 -1.43 14.25
N MET A 179 42.39 -0.91 15.11
CA MET A 179 42.70 0.52 15.10
C MET A 179 43.20 0.98 13.73
N ARG A 180 43.99 0.14 13.06
CA ARG A 180 44.50 0.47 11.73
C ARG A 180 43.37 0.45 10.69
N ALA A 181 42.49 -0.55 10.77
CA ALA A 181 41.33 -0.62 9.87
C ALA A 181 40.48 0.65 9.96
N PHE A 182 40.22 1.12 11.17
CA PHE A 182 39.50 2.37 11.35
C PHE A 182 40.32 3.58 10.88
N ASP A 183 41.60 3.63 11.22
CA ASP A 183 42.47 4.73 10.80
C ASP A 183 42.53 4.84 9.27
N ASN A 184 42.53 3.70 8.59
CA ASN A 184 42.47 3.69 7.14
C ASN A 184 41.09 4.17 6.64
N PHE A 185 40.01 3.68 7.24
CA PHE A 185 38.68 4.09 6.84
C PHE A 185 38.49 5.61 6.93
N TRP A 186 38.88 6.20 8.06
CA TRP A 186 38.77 7.66 8.24
C TRP A 186 39.87 8.44 7.48
N ASN A 187 40.75 7.71 6.82
CA ASN A 187 41.92 8.26 6.11
C ASN A 187 42.87 9.05 7.01
N THR A 188 42.90 8.70 8.29
CA THR A 188 43.88 9.23 9.22
C THR A 188 45.30 8.84 8.77
N THR A 189 45.43 7.69 8.13
CA THR A 189 46.72 7.23 7.56
C THR A 189 47.11 7.95 6.26
N GLY A 190 46.13 8.58 5.62
CA GLY A 190 46.34 9.23 4.33
C GLY A 190 46.32 8.26 3.14
N LYS A 191 46.13 6.97 3.40
CA LYS A 191 46.30 5.93 2.39
C LYS A 191 45.01 5.50 1.70
N HIS A 192 43.86 5.88 2.26
CA HIS A 192 42.57 5.43 1.73
C HIS A 192 41.47 6.50 1.71
N PRO A 193 41.67 7.58 0.93
CA PRO A 193 40.64 8.62 0.79
C PRO A 193 39.35 8.07 0.17
N GLU A 194 39.46 6.97 -0.57
CA GLU A 194 38.32 6.41 -1.29
C GLU A 194 37.24 5.82 -0.37
N LEU A 195 37.62 5.41 0.84
CA LEU A 195 36.71 4.59 1.66
C LEU A 195 35.46 5.35 2.10
N VAL A 196 35.61 6.57 2.61
CA VAL A 196 34.42 7.38 2.95
C VAL A 196 33.57 7.71 1.71
N GLU A 197 34.22 7.90 0.56
CA GLU A 197 33.48 8.17 -0.68
CA GLU A 197 33.48 8.17 -0.68
C GLU A 197 32.62 6.97 -1.06
N HIS A 198 33.19 5.77 -0.96
CA HIS A 198 32.44 4.53 -1.21
C HIS A 198 31.26 4.41 -0.24
N TYR A 199 31.51 4.72 1.03
CA TYR A 199 30.49 4.63 2.08
C TYR A 199 29.30 5.52 1.77
N ALA A 200 29.58 6.77 1.40
CA ALA A 200 28.54 7.74 1.04
C ALA A 200 27.70 7.25 -0.15
N LYS A 201 28.38 6.72 -1.17
CA LYS A 201 27.68 6.25 -2.37
C LYS A 201 26.93 4.94 -2.14
N ALA A 202 27.39 4.13 -1.19
CA ALA A 202 26.66 2.94 -0.77
C ALA A 202 25.34 3.37 -0.10
N TRP A 203 25.42 4.39 0.74
CA TRP A 203 24.21 4.99 1.32
C TRP A 203 23.28 5.56 0.25
N ARG A 204 23.87 6.21 -0.76
CA ARG A 204 23.05 6.73 -1.86
C ARG A 204 22.28 5.60 -2.56
N ALA A 205 22.92 4.46 -2.75
CA ALA A 205 22.25 3.31 -3.37
C ALA A 205 21.06 2.85 -2.53
N VAL A 206 21.24 2.79 -1.21
CA VAL A 206 20.16 2.44 -0.30
C VAL A 206 19.03 3.47 -0.37
N ALA A 207 19.39 4.75 -0.30
CA ALA A 207 18.40 5.82 -0.34
C ALA A 207 17.65 5.83 -1.68
N ASP A 208 18.34 5.47 -2.76
CA ASP A 208 17.70 5.44 -4.08
C ASP A 208 16.58 4.40 -4.09
N ARG A 209 16.81 3.26 -3.45
CA ARG A 209 15.81 2.21 -3.34
C ARG A 209 14.62 2.60 -2.47
N PHE A 210 14.89 3.32 -1.39
CA PHE A 210 13.87 3.54 -0.36
C PHE A 210 13.26 4.93 -0.35
N ALA A 211 13.69 5.79 -1.27
CA ALA A 211 13.19 7.16 -1.31
C ALA A 211 11.67 7.24 -1.37
N ASP A 212 11.06 6.35 -2.14
CA ASP A 212 9.60 6.37 -2.32
C ASP A 212 8.87 5.35 -1.44
N ASN A 213 9.53 4.87 -0.39
CA ASN A 213 8.94 3.92 0.51
C ASN A 213 8.29 4.63 1.69
N ASP A 214 6.97 4.57 1.74
CA ASP A 214 6.17 5.29 2.73
C ASP A 214 6.41 4.85 4.19
N ALA A 215 6.96 3.65 4.39
CA ALA A 215 7.23 3.14 5.74
C ALA A 215 8.58 3.60 6.31
N VAL A 216 9.50 3.98 5.43
CA VAL A 216 10.84 4.38 5.87
C VAL A 216 10.85 5.86 6.22
N VAL A 217 11.29 6.19 7.43
CA VAL A 217 11.30 7.59 7.89
CA VAL A 217 11.29 7.60 7.89
C VAL A 217 12.70 8.11 8.21
N ALA A 218 13.66 7.22 8.38
CA ALA A 218 14.99 7.63 8.84
C ALA A 218 16.11 6.72 8.35
N TYR A 219 17.28 7.32 8.17
CA TYR A 219 18.52 6.61 7.86
C TYR A 219 19.52 6.95 8.96
N ASP A 220 19.93 5.94 9.73
CA ASP A 220 20.94 6.08 10.79
C ASP A 220 22.29 5.78 10.15
N LEU A 221 23.07 6.84 9.89
CA LEU A 221 24.20 6.75 8.96
C LEU A 221 25.34 5.81 9.39
N MET A 222 25.63 5.74 10.69
CA MET A 222 26.65 4.83 11.18
C MET A 222 26.41 4.44 12.63
N ASN A 223 26.29 3.15 12.88
CA ASN A 223 26.21 2.64 14.24
C ASN A 223 27.51 2.88 14.98
N GLU A 224 27.39 3.42 16.20
CA GLU A 224 28.50 3.56 17.15
C GLU A 224 29.84 3.89 16.51
N PRO A 225 29.93 5.07 15.88
CA PRO A 225 31.17 5.49 15.24
C PRO A 225 32.34 5.36 16.20
N PHE A 226 33.45 4.81 15.69
CA PHE A 226 34.67 4.62 16.47
C PHE A 226 35.83 5.22 15.70
N GLY A 227 36.61 6.06 16.37
CA GLY A 227 37.61 6.89 15.69
C GLY A 227 39.00 6.30 15.59
N GLY A 228 39.23 5.11 16.13
CA GLY A 228 40.57 4.52 16.13
C GLY A 228 41.52 5.38 16.95
N SER A 229 42.62 5.81 16.34
CA SER A 229 43.61 6.64 17.03
CA SER A 229 43.60 6.64 17.05
C SER A 229 43.12 8.07 17.28
N LEU A 230 41.99 8.44 16.66
CA LEU A 230 41.34 9.73 16.91
C LEU A 230 40.16 9.53 17.87
N GLN A 231 40.07 10.35 18.91
CA GLN A 231 38.98 10.23 19.89
C GLN A 231 38.57 11.59 20.40
N GLY A 232 37.29 11.75 20.73
CA GLY A 232 36.78 13.03 21.21
C GLY A 232 36.51 13.97 20.05
N PRO A 233 36.42 15.29 20.34
CA PRO A 233 36.16 16.30 19.29
C PRO A 233 37.05 16.23 18.04
N ALA A 234 38.33 15.90 18.21
CA ALA A 234 39.23 15.70 17.07
C ALA A 234 38.63 14.71 16.06
N PHE A 235 37.96 13.69 16.58
CA PHE A 235 37.30 12.72 15.75
C PHE A 235 35.93 13.22 15.31
N GLU A 236 35.09 13.58 16.28
CA GLU A 236 33.68 13.88 16.01
C GLU A 236 33.48 15.11 15.14
N ALA A 237 34.25 16.16 15.38
CA ALA A 237 34.16 17.40 14.59
C ALA A 237 35.06 17.35 13.37
N GLY A 238 35.89 16.31 13.26
CA GLY A 238 36.77 16.13 12.12
C GLY A 238 36.19 15.16 11.13
N PRO A 239 36.81 13.97 10.98
CA PRO A 239 36.35 13.03 9.96
C PRO A 239 34.92 12.52 10.13
N LEU A 240 34.44 12.42 11.37
CA LEU A 240 33.07 11.90 11.57
C LEU A 240 32.06 12.87 10.95
N ALA A 241 32.11 14.15 11.34
CA ALA A 241 31.23 15.16 10.78
C ALA A 241 31.40 15.25 9.27
N ALA A 242 32.64 15.15 8.80
CA ALA A 242 32.91 15.22 7.35
C ALA A 242 32.23 14.08 6.59
N MET A 243 32.31 12.87 7.14
CA MET A 243 31.64 11.72 6.53
C MET A 243 30.13 11.91 6.54
N TYR A 244 29.59 12.38 7.66
CA TYR A 244 28.15 12.65 7.74
C TYR A 244 27.69 13.66 6.68
N GLN A 245 28.48 14.70 6.47
CA GLN A 245 28.14 15.70 5.46
C GLN A 245 28.17 15.11 4.05
N ARG A 246 29.24 14.40 3.72
CA ARG A 246 29.36 13.78 2.40
C ARG A 246 28.22 12.79 2.16
N THR A 247 27.89 12.02 3.18
CA THR A 247 26.85 10.99 3.08
C THR A 247 25.45 11.61 2.97
N THR A 248 25.18 12.63 3.79
CA THR A 248 23.93 13.38 3.68
C THR A 248 23.78 13.94 2.26
N ASP A 249 24.84 14.57 1.76
CA ASP A 249 24.81 15.15 0.42
C ASP A 249 24.53 14.11 -0.66
N ALA A 250 25.17 12.94 -0.54
CA ALA A 250 24.96 11.83 -1.47
C ALA A 250 23.51 11.34 -1.41
N ILE A 251 23.04 11.11 -0.19
CA ILE A 251 21.66 10.68 0.00
C ILE A 251 20.66 11.67 -0.61
N ARG A 252 20.94 12.97 -0.45
CA ARG A 252 20.05 14.01 -0.92
C ARG A 252 20.04 14.20 -2.45
N GLN A 253 20.92 13.47 -3.15
CA GLN A 253 20.83 13.40 -4.61
C GLN A 253 19.62 12.58 -5.08
N VAL A 254 19.16 11.67 -4.23
CA VAL A 254 18.09 10.72 -4.61
C VAL A 254 16.89 10.65 -3.65
N ASP A 255 17.04 11.23 -2.45
CA ASP A 255 15.99 11.20 -1.45
C ASP A 255 16.03 12.49 -0.66
N GLN A 256 14.98 13.31 -0.83
CA GLN A 256 14.98 14.64 -0.23
CA GLN A 256 14.94 14.65 -0.24
C GLN A 256 14.23 14.69 1.10
N ASP A 257 13.45 13.66 1.42
CA ASP A 257 12.50 13.73 2.55
C ASP A 257 12.77 12.84 3.76
N THR A 258 13.53 11.77 3.59
CA THR A 258 13.84 10.90 4.73
C THR A 258 14.75 11.63 5.71
N TRP A 259 14.51 11.46 7.01
CA TRP A 259 15.37 12.05 8.03
CA TRP A 259 15.37 12.06 8.02
C TRP A 259 16.72 11.38 8.04
N VAL A 260 17.78 12.18 8.07
CA VAL A 260 19.14 11.68 8.17
C VAL A 260 19.53 11.79 9.64
N CYS A 261 19.83 10.64 10.22
CA CYS A 261 20.09 10.52 11.65
C CYS A 261 21.57 10.30 11.89
N VAL A 262 22.15 11.14 12.74
CA VAL A 262 23.58 11.09 13.02
C VAL A 262 23.84 10.81 14.51
N ALA A 263 24.88 10.01 14.78
CA ALA A 263 25.27 9.62 16.12
C ALA A 263 26.58 10.28 16.52
N PRO A 264 26.79 10.44 17.84
CA PRO A 264 28.09 10.88 18.32
C PRO A 264 28.99 9.66 18.31
N GLN A 265 30.28 9.82 18.61
CA GLN A 265 31.08 8.63 18.87
C GLN A 265 30.46 7.92 20.08
N ALA A 266 30.55 6.59 20.10
CA ALA A 266 29.90 5.79 21.13
C ALA A 266 30.70 5.76 22.42
N ILE A 267 32.01 5.53 22.32
CA ILE A 267 32.81 5.41 23.53
CA ILE A 267 32.85 5.44 23.52
C ILE A 267 32.80 6.76 24.28
N GLY A 268 32.55 6.69 25.58
CA GLY A 268 32.40 7.88 26.41
C GLY A 268 30.99 8.43 26.39
N VAL A 269 30.51 8.79 25.20
CA VAL A 269 29.19 9.41 25.09
C VAL A 269 28.06 8.43 25.49
N ASN A 270 28.20 7.15 25.14
CA ASN A 270 27.26 6.12 25.62
C ASN A 270 27.13 6.12 27.15
N GLN A 271 28.23 6.45 27.81
CA GLN A 271 28.33 6.40 29.27
C GLN A 271 28.03 7.73 29.96
N GLY A 272 27.67 8.74 29.18
CA GLY A 272 27.21 10.03 29.73
C GLY A 272 28.16 11.21 29.56
N LEU A 273 29.23 11.03 28.79
CA LEU A 273 30.15 12.13 28.49
C LEU A 273 29.62 12.97 27.34
N PRO A 274 30.06 14.23 27.25
CA PRO A 274 29.63 15.08 26.15
C PRO A 274 30.19 14.67 24.79
N SER A 275 29.44 15.03 23.74
CA SER A 275 29.86 14.86 22.35
C SER A 275 30.38 16.17 21.79
N GLY A 276 31.39 16.07 20.93
CA GLY A 276 31.91 17.20 20.18
C GLY A 276 31.40 17.26 18.75
N LEU A 277 30.37 16.48 18.43
CA LEU A 277 29.79 16.50 17.09
C LEU A 277 29.26 17.89 16.76
N THR A 278 29.47 18.30 15.50
CA THR A 278 29.12 19.62 15.01
C THR A 278 27.98 19.53 14.00
N LYS A 279 27.40 20.67 13.67
CA LYS A 279 26.19 20.73 12.86
C LYS A 279 26.41 20.21 11.43
N ILE A 280 25.44 19.43 10.97
CA ILE A 280 25.44 18.90 9.62
C ILE A 280 24.43 19.69 8.80
N ASP A 281 24.83 20.08 7.59
CA ASP A 281 23.97 20.84 6.69
C ASP A 281 23.07 19.88 5.93
N ASP A 282 21.80 20.24 5.80
CA ASP A 282 20.86 19.47 5.00
C ASP A 282 20.55 20.28 3.75
N PRO A 283 20.99 19.80 2.57
CA PRO A 283 20.72 20.57 1.35
C PRO A 283 19.27 20.53 0.84
N ARG A 284 18.39 19.76 1.49
CA ARG A 284 16.99 19.71 1.05
C ARG A 284 16.35 21.08 1.03
N ALA A 285 15.48 21.32 0.05
CA ALA A 285 14.68 22.53 0.02
C ALA A 285 13.72 22.49 1.19
N GLY A 286 13.60 23.59 1.92
CA GLY A 286 12.73 23.68 3.09
C GLY A 286 13.52 23.40 4.36
N GLN A 287 12.80 23.01 5.42
CA GLN A 287 13.40 22.84 6.73
C GLN A 287 14.31 21.62 6.76
N GLN A 288 15.35 21.71 7.59
CA GLN A 288 16.31 20.64 7.81
CA GLN A 288 16.29 20.60 7.73
C GLN A 288 15.60 19.36 8.30
N ARG A 289 16.05 18.20 7.84
CA ARG A 289 15.56 16.93 8.36
C ARG A 289 16.74 16.06 8.80
N ILE A 290 17.42 16.56 9.83
CA ILE A 290 18.49 15.85 10.52
C ILE A 290 17.95 15.50 11.89
N ALA A 291 18.24 14.30 12.36
CA ALA A 291 17.92 13.93 13.75
C ALA A 291 19.16 13.36 14.44
N TYR A 292 19.11 13.36 15.77
CA TYR A 292 20.25 12.94 16.59
C TYR A 292 19.93 11.59 17.21
N CYS A 293 20.80 10.59 17.03
CA CYS A 293 20.48 9.23 17.47
CA CYS A 293 20.50 9.22 17.44
C CYS A 293 21.58 8.59 18.33
N PRO A 294 21.79 9.14 19.54
CA PRO A 294 22.75 8.56 20.47
C PRO A 294 22.25 7.26 21.12
N HIS A 295 23.15 6.55 21.79
CA HIS A 295 22.82 5.37 22.58
C HIS A 295 23.07 5.67 24.06
N LEU A 296 22.55 4.81 24.92
CA LEU A 296 22.66 4.97 26.37
C LEU A 296 23.04 3.64 26.99
N TYR A 297 24.26 3.56 27.52
CA TYR A 297 24.76 2.34 28.15
C TYR A 297 25.59 2.71 29.40
N PRO A 298 24.89 2.96 30.53
CA PRO A 298 25.57 3.32 31.78
C PRO A 298 26.63 2.30 32.19
N LEU A 299 27.76 2.80 32.67
CA LEU A 299 28.88 1.95 33.07
C LEU A 299 28.54 0.85 34.09
N PRO A 300 27.80 1.19 35.16
CA PRO A 300 27.51 0.14 36.17
C PRO A 300 26.82 -1.10 35.59
N LEU A 301 25.99 -0.92 34.56
CA LEU A 301 25.34 -2.03 33.89
C LEU A 301 26.32 -2.66 32.90
N HIS A 307 21.06 -3.23 39.17
CA HIS A 307 20.59 -1.86 39.38
C HIS A 307 20.13 -1.64 40.83
N GLU A 308 21.10 -1.64 41.73
CA GLU A 308 20.85 -1.48 43.17
C GLU A 308 22.07 -0.89 43.88
N GLY A 309 21.84 -0.31 45.05
CA GLY A 309 22.91 0.28 45.86
C GLY A 309 23.59 1.45 45.17
N LEU A 310 24.91 1.57 45.35
CA LEU A 310 25.68 2.64 44.74
C LEU A 310 25.62 2.57 43.20
N ALA A 311 25.60 1.36 42.65
CA ALA A 311 25.47 1.17 41.20
C ALA A 311 24.21 1.87 40.66
N ARG A 312 23.12 1.77 41.40
CA ARG A 312 21.87 2.42 41.02
C ARG A 312 22.01 3.95 41.00
N THR A 313 22.67 4.49 42.03
CA THR A 313 22.93 5.93 42.10
C THR A 313 23.78 6.39 40.92
N LEU A 314 24.82 5.61 40.61
CA LEU A 314 25.69 5.91 39.48
C LEU A 314 24.92 5.87 38.16
N THR A 315 24.05 4.89 38.01
CA THR A 315 23.25 4.76 36.78
C THR A 315 22.24 5.92 36.66
N ASP A 316 21.63 6.30 37.77
CA ASP A 316 20.68 7.41 37.78
C ASP A 316 21.34 8.75 37.41
N VAL A 317 22.53 9.01 37.94
CA VAL A 317 23.23 10.25 37.61
C VAL A 317 23.75 10.20 36.15
N THR A 318 24.10 9.00 35.67
CA THR A 318 24.44 8.83 34.26
C THR A 318 23.30 9.26 33.34
N ILE A 319 22.08 8.85 33.68
CA ILE A 319 20.90 9.25 32.90
C ILE A 319 20.79 10.77 32.89
N ASP A 320 21.01 11.40 34.04
CA ASP A 320 20.92 12.86 34.13
C ASP A 320 21.95 13.52 33.23
N ALA A 321 23.18 13.04 33.27
CA ALA A 321 24.27 13.58 32.45
C ALA A 321 24.00 13.35 30.97
N TRP A 322 23.62 12.11 30.63
CA TRP A 322 23.25 11.76 29.26
C TRP A 322 22.15 12.67 28.71
N ARG A 323 21.12 12.92 29.51
CA ARG A 323 20.02 13.79 29.09
C ARG A 323 20.52 15.21 28.77
N ALA A 324 21.31 15.78 29.67
CA ALA A 324 21.83 17.15 29.50
C ALA A 324 22.70 17.26 28.24
N ASN A 325 23.59 16.29 28.05
CA ASN A 325 24.47 16.28 26.89
C ASN A 325 23.72 16.06 25.59
N THR A 326 22.79 15.11 25.60
CA THR A 326 21.98 14.82 24.42
C THR A 326 21.19 16.06 23.98
N ALA A 327 20.58 16.73 24.95
CA ALA A 327 19.83 17.95 24.67
C ALA A 327 20.74 19.03 24.07
N HIS A 328 21.93 19.18 24.63
CA HIS A 328 22.90 20.15 24.10
C HIS A 328 23.28 19.88 22.65
N THR A 329 23.67 18.64 22.34
CA THR A 329 24.07 18.33 20.98
C THR A 329 22.90 18.41 20.01
N ALA A 330 21.70 18.04 20.45
CA ALA A 330 20.51 18.22 19.61
C ALA A 330 20.29 19.70 19.25
N ARG A 331 20.65 20.60 20.17
CA ARG A 331 20.58 22.04 19.89
C ARG A 331 21.65 22.44 18.88
N VAL A 332 22.88 22.01 19.10
CA VAL A 332 23.99 22.28 18.19
C VAL A 332 23.65 21.88 16.76
N LEU A 333 22.98 20.75 16.60
CA LEU A 333 22.64 20.23 15.26
C LEU A 333 21.49 21.00 14.59
N GLY A 334 20.84 21.90 15.32
CA GLY A 334 19.73 22.71 14.81
C GLY A 334 18.40 22.46 15.49
N ASP A 335 18.41 22.29 16.81
CA ASP A 335 17.20 22.01 17.60
C ASP A 335 16.45 20.82 16.99
N VAL A 336 17.18 19.72 16.85
CA VAL A 336 16.71 18.57 16.08
C VAL A 336 15.97 17.54 16.93
N PRO A 337 15.17 16.67 16.29
CA PRO A 337 14.57 15.56 17.03
C PRO A 337 15.62 14.56 17.54
N ILE A 338 15.26 13.86 18.61
CA ILE A 338 16.14 12.88 19.23
C ILE A 338 15.49 11.50 19.11
N ILE A 339 16.32 10.52 18.76
CA ILE A 339 15.94 9.11 18.83
C ILE A 339 16.98 8.41 19.68
N LEU A 340 16.54 7.77 20.76
CA LEU A 340 17.41 6.93 21.56
C LEU A 340 17.53 5.63 20.79
N GLY A 341 18.60 5.51 19.98
CA GLY A 341 18.76 4.40 19.05
C GLY A 341 19.03 3.04 19.67
N GLU A 342 19.66 3.05 20.84
CA GLU A 342 19.84 1.84 21.64
C GLU A 342 19.91 2.16 23.11
N PHE A 343 19.26 1.31 23.89
CA PHE A 343 19.57 1.11 25.29
C PHE A 343 19.01 -0.27 25.60
N GLY A 344 19.47 -0.88 26.68
CA GLY A 344 19.00 -2.22 27.02
C GLY A 344 19.86 -2.86 28.09
N LEU A 345 19.33 -3.92 28.68
CA LEU A 345 20.07 -4.67 29.68
C LEU A 345 19.44 -6.04 29.88
N ASP A 346 20.16 -6.90 30.61
CA ASP A 346 19.65 -8.18 31.03
C ASP A 346 18.46 -7.94 31.98
N THR A 347 17.26 -8.27 31.51
CA THR A 347 16.03 -7.98 32.27
C THR A 347 15.86 -8.83 33.52
N THR A 348 16.73 -9.82 33.69
CA THR A 348 16.70 -10.68 34.88
C THR A 348 17.56 -10.09 36.02
N LEU A 349 18.20 -8.96 35.77
CA LEU A 349 18.93 -8.25 36.82
C LEU A 349 17.96 -7.54 37.76
N PRO A 350 18.14 -7.71 39.07
CA PRO A 350 17.32 -6.94 40.01
C PRO A 350 17.41 -5.44 39.72
N GLY A 351 16.27 -4.77 39.74
CA GLY A 351 16.20 -3.34 39.45
C GLY A 351 16.02 -3.01 37.99
N ALA A 352 16.03 -4.02 37.12
CA ALA A 352 15.90 -3.79 35.67
C ALA A 352 14.64 -3.02 35.28
N ARG A 353 13.49 -3.39 35.85
CA ARG A 353 12.24 -2.71 35.51
C ARG A 353 12.29 -1.22 35.86
N ASP A 354 12.84 -0.89 37.03
CA ASP A 354 12.95 0.52 37.44
C ASP A 354 13.85 1.30 36.48
N TYR A 355 14.95 0.69 36.07
CA TYR A 355 15.85 1.32 35.10
C TYR A 355 15.12 1.57 33.78
N ILE A 356 14.49 0.51 33.26
CA ILE A 356 13.77 0.63 31.99
C ILE A 356 12.70 1.71 32.07
N GLU A 357 11.92 1.71 33.15
CA GLU A 357 10.84 2.68 33.28
C GLU A 357 11.39 4.11 33.40
N ARG A 358 12.52 4.28 34.08
CA ARG A 358 13.13 5.61 34.17
C ARG A 358 13.61 6.08 32.80
N VAL A 359 14.21 5.18 32.02
CA VAL A 359 14.69 5.56 30.70
C VAL A 359 13.52 5.97 29.79
N TYR A 360 12.44 5.19 29.80
CA TYR A 360 11.29 5.54 28.94
C TYR A 360 10.62 6.84 29.40
N GLY A 361 10.59 7.08 30.71
CA GLY A 361 10.08 8.34 31.24
C GLY A 361 10.92 9.52 30.80
N THR A 362 12.23 9.34 30.83
CA THR A 362 13.18 10.35 30.37
C THR A 362 12.99 10.61 28.87
N ALA A 363 12.90 9.54 28.07
CA ALA A 363 12.66 9.67 26.63
C ALA A 363 11.37 10.45 26.37
N ARG A 364 10.33 10.13 27.11
CA ARG A 364 9.04 10.79 26.96
C ARG A 364 9.18 12.29 27.21
N GLU A 365 9.83 12.65 28.32
CA GLU A 365 10.05 14.07 28.66
C GLU A 365 10.89 14.80 27.61
N MET A 366 11.84 14.09 27.01
CA MET A 366 12.71 14.66 25.96
C MET A 366 12.07 14.66 24.57
N GLY A 367 10.88 14.08 24.44
CA GLY A 367 10.23 13.95 23.14
C GLY A 367 11.01 13.03 22.21
N ALA A 368 11.67 12.02 22.79
CA ALA A 368 12.55 11.13 22.02
C ALA A 368 11.86 9.85 21.59
N GLY A 369 12.21 9.38 20.41
CA GLY A 369 11.86 8.02 20.00
C GLY A 369 12.77 7.02 20.72
N VAL A 370 12.39 5.76 20.75
CA VAL A 370 13.21 4.72 21.38
C VAL A 370 13.17 3.44 20.57
N SER A 371 14.35 2.91 20.26
CA SER A 371 14.50 1.54 19.77
C SER A 371 15.34 0.76 20.77
N TYR A 372 14.69 -0.12 21.52
CA TYR A 372 15.32 -0.93 22.54
C TYR A 372 16.26 -1.96 21.91
N TRP A 373 17.43 -2.18 22.52
CA TRP A 373 18.35 -3.25 22.09
C TRP A 373 18.11 -4.51 22.93
N SER A 374 17.49 -5.57 22.38
CA SER A 374 17.04 -5.69 21.00
C SER A 374 15.90 -6.71 20.96
N SER A 375 15.38 -6.99 19.78
CA SER A 375 14.34 -8.00 19.64
C SER A 375 14.90 -9.42 19.69
N ASP A 376 16.23 -9.57 19.65
CA ASP A 376 16.85 -10.90 19.63
C ASP A 376 16.44 -11.74 20.83
N PRO A 377 16.27 -13.06 20.63
CA PRO A 377 15.89 -13.92 21.75
C PRO A 377 16.96 -13.97 22.84
N GLY A 378 16.53 -13.93 24.11
CA GLY A 378 17.43 -13.92 25.25
C GLY A 378 16.92 -13.02 26.36
N PRO A 379 17.61 -13.01 27.53
CA PRO A 379 17.18 -12.24 28.70
C PRO A 379 17.18 -10.72 28.53
N TRP A 380 17.90 -10.19 27.54
CA TRP A 380 17.84 -8.75 27.23
C TRP A 380 16.55 -8.39 26.48
N GLY A 381 16.01 -9.35 25.75
CA GLY A 381 14.95 -9.12 24.79
C GLY A 381 13.57 -9.35 25.36
N PRO A 382 12.53 -9.15 24.51
CA PRO A 382 11.17 -9.37 24.97
C PRO A 382 10.79 -10.83 25.16
N TYR A 383 11.50 -11.73 24.47
CA TYR A 383 11.22 -13.17 24.58
C TYR A 383 12.51 -13.97 24.77
N LEU A 384 12.44 -15.01 25.59
CA LEU A 384 13.52 -15.99 25.68
C LEU A 384 13.49 -16.86 24.42
N PRO A 385 14.57 -17.60 24.15
CA PRO A 385 14.62 -18.43 22.94
C PRO A 385 13.40 -19.32 22.67
N ASP A 386 12.80 -19.88 23.71
CA ASP A 386 11.64 -20.74 23.52
C ASP A 386 10.30 -19.98 23.37
N GLY A 387 10.37 -18.65 23.34
CA GLY A 387 9.18 -17.81 23.13
C GLY A 387 8.54 -17.26 24.39
N THR A 388 9.06 -17.64 25.55
CA THR A 388 8.52 -17.16 26.83
C THR A 388 8.79 -15.67 26.97
N GLN A 389 7.78 -14.92 27.39
CA GLN A 389 7.92 -13.47 27.58
C GLN A 389 8.82 -13.16 28.77
N THR A 390 9.70 -12.16 28.60
CA THR A 390 10.48 -11.62 29.71
C THR A 390 9.70 -10.46 30.33
N LEU A 391 10.29 -9.87 31.36
CA LEU A 391 9.81 -8.65 32.00
C LEU A 391 9.48 -7.53 31.01
N LEU A 392 10.16 -7.51 29.89
CA LEU A 392 10.04 -6.40 28.94
C LEU A 392 8.63 -6.24 28.41
N VAL A 393 7.92 -7.34 28.15
CA VAL A 393 6.63 -7.23 27.47
C VAL A 393 5.63 -6.39 28.29
N ASP A 394 5.40 -6.78 29.54
CA ASP A 394 4.47 -6.02 30.40
C ASP A 394 4.97 -4.61 30.68
N THR A 395 6.29 -4.45 30.76
CA THR A 395 6.89 -3.13 30.99
C THR A 395 6.65 -2.18 29.81
N LEU A 396 6.83 -2.67 28.58
CA LEU A 396 6.69 -1.82 27.39
C LEU A 396 5.24 -1.68 26.91
N ASN A 397 4.37 -2.61 27.29
CA ASN A 397 3.01 -2.65 26.76
C ASN A 397 2.10 -1.68 27.47
N LYS A 398 2.29 -0.39 27.19
CA LYS A 398 1.51 0.68 27.81
C LYS A 398 0.91 1.56 26.73
N PRO A 399 -0.19 2.27 27.06
CA PRO A 399 -0.76 3.17 26.07
C PRO A 399 0.23 4.26 25.71
N TYR A 400 0.24 4.68 24.44
CA TYR A 400 1.03 5.84 24.05
C TYR A 400 0.46 6.50 22.80
N PRO A 401 0.70 7.80 22.63
CA PRO A 401 0.30 8.44 21.38
C PRO A 401 1.31 8.07 20.30
N ARG A 402 0.83 7.61 19.16
CA ARG A 402 1.72 7.22 18.05
C ARG A 402 2.00 8.38 17.10
N ALA A 403 0.95 9.09 16.72
CA ALA A 403 1.06 10.20 15.76
C ALA A 403 0.09 11.27 16.21
N VAL A 404 0.63 12.43 16.58
CA VAL A 404 -0.17 13.48 17.20
C VAL A 404 -0.45 14.62 16.22
N ALA A 405 -1.71 15.06 16.18
CA ALA A 405 -2.12 16.19 15.35
C ALA A 405 -1.73 17.49 16.05
N GLY A 406 -0.43 17.79 16.04
CA GLY A 406 0.13 18.88 16.82
C GLY A 406 1.32 18.42 17.65
N THR A 407 1.90 19.33 18.40
CA THR A 407 3.06 19.01 19.21
C THR A 407 2.57 18.52 20.57
N PRO A 408 2.96 17.29 20.95
CA PRO A 408 2.60 16.86 22.30
C PRO A 408 3.49 17.58 23.31
N THR A 409 2.87 18.34 24.21
CA THR A 409 3.62 19.12 25.19
C THR A 409 3.93 18.30 26.43
N GLU A 410 3.01 17.39 26.76
CA GLU A 410 3.21 16.44 27.84
CA GLU A 410 3.17 16.48 27.88
C GLU A 410 2.21 15.30 27.72
N TRP A 411 2.59 14.14 28.21
CA TRP A 411 1.66 13.03 28.30
C TRP A 411 2.07 12.05 29.39
N SER A 412 1.13 11.19 29.74
CA SER A 412 1.37 10.16 30.75
C SER A 412 0.48 8.98 30.41
N SER A 413 0.88 7.81 30.88
CA SER A 413 0.02 6.65 30.75
C SER A 413 0.29 5.61 31.82
N THR A 414 -0.76 4.86 32.13
CA THR A 414 -0.69 3.69 32.98
C THR A 414 -1.41 2.59 32.22
N SER A 415 -1.52 1.40 32.82
CA SER A 415 -2.15 0.28 32.13
CA SER A 415 -2.17 0.26 32.17
C SER A 415 -3.57 0.58 31.66
N ASP A 416 -4.29 1.46 32.38
CA ASP A 416 -5.68 1.77 32.01
C ASP A 416 -6.01 3.27 31.92
N ARG A 417 -5.01 4.07 31.54
CA ARG A 417 -5.24 5.50 31.36
C ARG A 417 -4.17 6.12 30.49
N LEU A 418 -4.58 7.03 29.60
CA LEU A 418 -3.64 7.87 28.87
C LEU A 418 -4.13 9.30 28.94
N GLN A 419 -3.21 10.23 29.16
CA GLN A 419 -3.54 11.65 29.09
C GLN A 419 -2.48 12.33 28.25
N LEU A 420 -2.92 13.21 27.36
CA LEU A 420 -2.04 13.86 26.39
C LEU A 420 -2.47 15.31 26.23
N THR A 421 -1.51 16.23 26.29
CA THR A 421 -1.78 17.64 25.97
C THR A 421 -1.12 17.98 24.64
N ILE A 422 -1.89 18.65 23.78
CA ILE A 422 -1.48 18.94 22.41
C ILE A 422 -1.48 20.44 22.14
N GLU A 423 -0.38 20.93 21.58
CA GLU A 423 -0.28 22.29 21.06
C GLU A 423 -0.80 22.23 19.63
N PRO A 424 -1.94 22.90 19.37
CA PRO A 424 -2.66 22.66 18.13
C PRO A 424 -1.96 23.14 16.86
N ASP A 425 -2.38 22.57 15.74
CA ASP A 425 -1.87 22.93 14.42
C ASP A 425 -3.03 22.77 13.44
N ALA A 426 -3.61 23.90 13.04
CA ALA A 426 -4.81 23.91 12.20
C ALA A 426 -4.58 23.29 10.82
N ALA A 427 -3.33 23.23 10.38
CA ALA A 427 -2.98 22.70 9.07
C ALA A 427 -3.14 21.17 8.99
N ILE A 428 -3.09 20.52 10.14
CA ILE A 428 -3.20 19.07 10.21
C ILE A 428 -4.65 18.63 10.19
N THR A 429 -5.00 17.82 9.20
CA THR A 429 -6.35 17.29 9.05
C THR A 429 -6.49 15.83 9.54
N ALA A 430 -5.38 15.11 9.65
CA ALA A 430 -5.41 13.72 10.13
C ALA A 430 -5.63 13.70 11.64
N PRO A 431 -6.26 12.61 12.16
CA PRO A 431 -6.56 12.53 13.58
C PRO A 431 -5.34 12.14 14.40
N THR A 432 -5.38 12.41 15.69
CA THR A 432 -4.37 11.89 16.59
C THR A 432 -4.61 10.38 16.74
N GLU A 433 -3.52 9.61 16.67
CA GLU A 433 -3.57 8.16 16.66
C GLU A 433 -2.85 7.64 17.89
N ILE A 434 -3.55 6.79 18.64
CA ILE A 434 -3.11 6.35 19.96
C ILE A 434 -3.23 4.84 20.07
N TYR A 435 -2.22 4.21 20.69
CA TYR A 435 -2.26 2.78 21.00
C TYR A 435 -2.83 2.54 22.39
N LEU A 436 -3.81 1.63 22.50
CA LEU A 436 -4.37 1.22 23.78
C LEU A 436 -4.30 -0.31 23.94
N PRO A 437 -3.55 -0.81 24.94
CA PRO A 437 -3.47 -2.25 25.13
C PRO A 437 -4.80 -2.86 25.56
N GLU A 438 -5.06 -4.09 25.13
CA GLU A 438 -6.31 -4.77 25.46
C GLU A 438 -6.44 -5.09 26.95
N ALA A 439 -5.30 -5.35 27.60
CA ALA A 439 -5.30 -5.66 29.03
C ALA A 439 -6.10 -4.63 29.82
N GLY A 440 -5.79 -3.35 29.61
CA GLY A 440 -6.46 -2.26 30.33
C GLY A 440 -7.71 -1.72 29.64
N PHE A 441 -7.82 -1.95 28.34
CA PHE A 441 -8.96 -1.44 27.58
C PHE A 441 -9.65 -2.60 26.86
N PRO A 442 -10.35 -3.46 27.62
CA PRO A 442 -10.93 -4.68 27.06
C PRO A 442 -12.17 -4.46 26.18
N GLY A 443 -12.76 -3.26 26.23
CA GLY A 443 -13.96 -2.97 25.46
C GLY A 443 -13.89 -1.64 24.73
N ASP A 444 -14.83 -0.75 25.04
CA ASP A 444 -14.91 0.57 24.42
C ASP A 444 -14.08 1.58 25.23
N VAL A 445 -13.96 2.79 24.71
CA VAL A 445 -13.20 3.85 25.35
C VAL A 445 -14.11 4.94 25.89
N HIS A 446 -13.60 5.64 26.90
CA HIS A 446 -14.20 6.89 27.35
C HIS A 446 -13.16 7.98 27.12
N VAL A 447 -13.51 8.96 26.31
CA VAL A 447 -12.58 10.02 25.93
C VAL A 447 -13.12 11.39 26.34
N GLU A 448 -12.31 12.13 27.08
CA GLU A 448 -12.63 13.51 27.43
C GLU A 448 -11.63 14.42 26.74
N GLY A 449 -12.11 15.52 26.18
CA GLY A 449 -11.25 16.53 25.56
C GLY A 449 -11.07 16.36 24.05
N ALA A 450 -11.63 15.29 23.51
CA ALA A 450 -11.58 15.05 22.07
C ALA A 450 -12.81 14.26 21.63
N ASP A 451 -13.08 14.28 20.32
CA ASP A 451 -14.12 13.45 19.72
C ASP A 451 -13.48 12.17 19.21
N VAL A 452 -14.12 11.03 19.48
CA VAL A 452 -13.64 9.76 18.93
C VAL A 452 -13.99 9.71 17.45
N VAL A 453 -12.97 9.48 16.61
CA VAL A 453 -13.14 9.30 15.17
C VAL A 453 -13.25 7.83 14.82
N GLY A 454 -12.45 6.99 15.47
CA GLY A 454 -12.52 5.55 15.30
C GLY A 454 -11.84 4.85 16.44
N TRP A 455 -12.31 3.64 16.74
CA TRP A 455 -11.67 2.81 17.75
C TRP A 455 -11.60 1.40 17.20
N ASP A 456 -10.40 1.03 16.78
CA ASP A 456 -10.15 -0.26 16.17
C ASP A 456 -9.63 -1.20 17.24
N ARG A 457 -10.49 -2.13 17.65
CA ARG A 457 -10.21 -2.99 18.79
C ARG A 457 -9.30 -4.16 18.40
N GLN A 458 -9.06 -4.32 17.10
CA GLN A 458 -8.16 -5.36 16.58
CA GLN A 458 -8.14 -5.36 16.63
C GLN A 458 -6.74 -4.83 16.44
N SER A 459 -6.59 -3.70 15.74
CA SER A 459 -5.27 -3.06 15.59
C SER A 459 -4.86 -2.31 16.85
N ARG A 460 -5.82 -2.07 17.74
CA ARG A 460 -5.61 -1.35 19.01
C ARG A 460 -5.35 0.15 18.80
N LEU A 461 -5.83 0.69 17.68
CA LEU A 461 -5.62 2.11 17.36
C LEU A 461 -6.89 2.93 17.57
N LEU A 462 -6.79 3.89 18.48
CA LEU A 462 -7.80 4.90 18.71
C LEU A 462 -7.44 6.15 17.92
N THR A 463 -8.40 6.70 17.18
CA THR A 463 -8.19 7.96 16.50
C THR A 463 -9.16 8.98 17.05
N VAL A 464 -8.64 10.17 17.36
CA VAL A 464 -9.44 11.25 17.93
C VAL A 464 -9.17 12.57 17.23
N ARG A 465 -10.13 13.50 17.39
CA ARG A 465 -10.07 14.80 16.77
C ARG A 465 -10.22 15.88 17.83
N THR A 466 -9.33 16.87 17.78
CA THR A 466 -9.33 17.97 18.72
C THR A 466 -9.42 19.30 17.97
N PRO A 467 -9.98 20.34 18.62
CA PRO A 467 -10.02 21.66 17.99
C PRO A 467 -8.64 22.29 17.89
N ALA A 468 -8.44 23.15 16.89
CA ALA A 468 -7.16 23.81 16.67
C ALA A 468 -7.19 25.31 17.01
N ASP A 469 -8.35 25.82 17.41
CA ASP A 469 -8.53 27.25 17.69
C ASP A 469 -8.90 27.55 19.14
N SER A 470 -8.56 26.66 20.06
CA SER A 470 -8.94 26.80 21.46
C SER A 470 -7.75 26.63 22.42
N GLY A 471 -6.54 26.90 21.93
CA GLY A 471 -5.32 26.74 22.72
C GLY A 471 -4.95 25.28 22.88
N ASN A 472 -4.05 24.99 23.82
CA ASN A 472 -3.61 23.61 24.08
C ASN A 472 -4.76 22.77 24.60
N VAL A 473 -4.89 21.56 24.07
CA VAL A 473 -6.02 20.69 24.37
C VAL A 473 -5.52 19.46 25.12
N THR A 474 -6.17 19.13 26.23
CA THR A 474 -5.84 17.93 26.98
C THR A 474 -6.89 16.84 26.77
N VAL A 475 -6.41 15.68 26.29
CA VAL A 475 -7.24 14.51 25.98
C VAL A 475 -6.96 13.44 27.03
N THR A 476 -8.02 12.89 27.63
CA THR A 476 -7.87 11.83 28.62
C THR A 476 -8.70 10.64 28.19
N VAL A 477 -8.04 9.47 28.16
CA VAL A 477 -8.62 8.24 27.65
C VAL A 477 -8.62 7.20 28.77
N THR A 478 -9.80 6.68 29.08
CA THR A 478 -9.97 5.64 30.09
C THR A 478 -10.93 4.57 29.56
N PRO A 479 -10.98 3.40 30.22
CA PRO A 479 -11.87 2.33 29.75
C PRO A 479 -13.34 2.67 29.97
N ALA A 480 -14.19 2.31 29.02
CA ALA A 480 -15.63 2.50 29.18
C ALA A 480 -16.12 1.71 30.40
N ALA A 481 -17.18 2.22 31.03
CA ALA A 481 -17.75 1.60 32.21
C ALA A 481 -18.65 0.42 31.86
N PRO B 34 -27.73 -12.64 -4.33
CA PRO B 34 -26.66 -12.49 -5.31
C PRO B 34 -25.29 -12.94 -4.79
N SER B 35 -24.40 -13.27 -5.73
CA SER B 35 -23.03 -13.65 -5.42
C SER B 35 -22.10 -12.49 -5.74
N TYR B 36 -21.00 -12.40 -5.00
CA TYR B 36 -20.06 -11.30 -5.14
C TYR B 36 -18.63 -11.78 -5.33
N LEU B 37 -17.87 -11.00 -6.10
CA LEU B 37 -16.41 -11.13 -6.07
C LEU B 37 -15.95 -10.73 -4.68
N LYS B 38 -14.87 -11.36 -4.21
CA LYS B 38 -14.32 -11.10 -2.89
C LYS B 38 -12.91 -10.54 -2.99
N ASP B 39 -12.50 -9.76 -2.00
CA ASP B 39 -11.10 -9.35 -1.90
C ASP B 39 -10.34 -10.43 -1.11
N ASP B 40 -9.05 -10.20 -0.87
CA ASP B 40 -8.22 -11.19 -0.16
C ASP B 40 -8.56 -11.33 1.33
N ASP B 41 -9.33 -10.39 1.86
CA ASP B 41 -9.84 -10.46 3.23
C ASP B 41 -11.19 -11.17 3.31
N GLY B 42 -11.74 -11.53 2.15
CA GLY B 42 -13.00 -12.26 2.10
C GLY B 42 -14.20 -11.35 2.04
N ARG B 43 -13.96 -10.05 1.88
CA ARG B 43 -15.05 -9.07 1.84
C ARG B 43 -15.71 -9.06 0.48
N SER B 44 -17.04 -8.88 0.48
CA SER B 44 -17.82 -8.85 -0.75
C SER B 44 -17.71 -7.46 -1.39
N LEU B 45 -17.42 -7.44 -2.69
CA LEU B 45 -17.11 -6.20 -3.39
C LEU B 45 -18.31 -5.62 -4.16
N ILE B 46 -18.64 -4.38 -3.87
CA ILE B 46 -19.60 -3.61 -4.65
C ILE B 46 -18.80 -2.65 -5.52
N LEU B 47 -18.81 -2.90 -6.83
CA LEU B 47 -17.89 -2.25 -7.77
C LEU B 47 -18.57 -1.13 -8.55
N ARG B 48 -17.98 0.06 -8.53
CA ARG B 48 -18.54 1.24 -9.17
C ARG B 48 -17.46 2.04 -9.87
N GLY B 49 -17.55 2.15 -11.19
CA GLY B 49 -16.59 2.93 -11.93
C GLY B 49 -16.95 3.17 -13.37
N PHE B 50 -15.91 3.36 -14.19
CA PHE B 50 -16.05 3.65 -15.62
C PHE B 50 -15.26 2.67 -16.49
N ASN B 51 -15.67 2.60 -17.76
CA ASN B 51 -14.82 2.11 -18.83
C ASN B 51 -13.79 3.19 -19.16
N THR B 52 -12.50 2.83 -19.10
CA THR B 52 -11.41 3.75 -19.40
C THR B 52 -10.40 3.07 -20.34
N ALA B 53 -10.30 3.51 -21.60
CA ALA B 53 -11.21 4.48 -22.23
C ALA B 53 -11.26 4.21 -23.73
N SER B 54 -12.30 4.72 -24.38
CA SER B 54 -12.45 4.55 -25.82
C SER B 54 -11.24 5.08 -26.59
N SER B 55 -10.58 6.10 -26.06
CA SER B 55 -9.40 6.68 -26.72
C SER B 55 -8.25 5.67 -26.89
N ALA B 56 -8.22 4.63 -26.06
CA ALA B 56 -7.25 3.56 -26.18
C ALA B 56 -7.39 2.75 -27.48
N LYS B 57 -8.59 2.75 -28.05
CA LYS B 57 -8.87 1.97 -29.26
C LYS B 57 -7.95 2.32 -30.42
N SER B 58 -7.74 3.62 -30.63
CA SER B 58 -6.99 4.12 -31.78
C SER B 58 -5.56 4.53 -31.45
N ALA B 59 -5.20 4.54 -30.16
CA ALA B 59 -3.88 5.02 -29.73
C ALA B 59 -2.78 4.07 -30.19
N PRO B 60 -1.79 4.58 -30.95
CA PRO B 60 -0.69 3.69 -31.37
C PRO B 60 -0.02 2.91 -30.22
N ASP B 61 0.18 3.54 -29.06
CA ASP B 61 0.79 2.87 -27.91
C ASP B 61 -0.21 2.06 -27.06
N GLY B 62 -1.48 2.04 -27.48
CA GLY B 62 -2.49 1.21 -26.83
C GLY B 62 -3.09 1.77 -25.56
N MET B 63 -2.68 2.99 -25.19
CA MET B 63 -3.07 3.61 -23.92
CA MET B 63 -3.10 3.58 -23.92
C MET B 63 -4.19 4.63 -24.12
N PRO B 64 -5.09 4.76 -23.13
CA PRO B 64 -6.09 5.80 -23.28
C PRO B 64 -5.48 7.18 -23.04
N GLN B 65 -6.12 8.21 -23.59
CA GLN B 65 -5.79 9.60 -23.27
C GLN B 65 -6.47 9.95 -21.95
N PHE B 66 -5.95 9.32 -20.91
CA PHE B 66 -6.47 9.46 -19.56
C PHE B 66 -5.21 9.45 -18.71
N THR B 67 -5.06 10.47 -17.88
CA THR B 67 -3.85 10.68 -17.11
C THR B 67 -4.11 10.41 -15.63
N GLU B 68 -3.03 10.39 -14.86
CA GLU B 68 -3.15 10.16 -13.42
C GLU B 68 -3.91 11.31 -12.78
N ALA B 69 -3.73 12.51 -13.32
CA ALA B 69 -4.46 13.69 -12.88
C ALA B 69 -5.97 13.53 -13.12
N ASP B 70 -6.33 12.94 -14.27
CA ASP B 70 -7.73 12.65 -14.56
C ASP B 70 -8.31 11.66 -13.53
N LEU B 71 -7.52 10.64 -13.17
CA LEU B 71 -7.98 9.66 -12.17
C LEU B 71 -8.18 10.33 -10.80
N ALA B 72 -7.25 11.20 -10.42
CA ALA B 72 -7.40 11.99 -9.19
C ALA B 72 -8.71 12.77 -9.18
N ARG B 73 -9.04 13.41 -10.30
CA ARG B 73 -10.29 14.15 -10.45
C ARG B 73 -11.49 13.21 -10.31
N GLU B 74 -11.45 12.09 -11.03
CA GLU B 74 -12.53 11.11 -10.95
C GLU B 74 -12.78 10.67 -9.51
N TYR B 75 -11.71 10.31 -8.79
CA TYR B 75 -11.87 9.83 -7.42
C TYR B 75 -12.41 10.92 -6.48
N ALA B 76 -11.90 12.13 -6.63
CA ALA B 76 -12.31 13.26 -5.80
C ALA B 76 -13.77 13.64 -6.02
N ASP B 77 -14.24 13.52 -7.27
CA ASP B 77 -15.58 13.95 -7.64
C ASP B 77 -16.65 12.87 -7.43
N MET B 78 -16.26 11.61 -7.55
CA MET B 78 -17.22 10.48 -7.54
C MET B 78 -16.89 9.29 -6.64
N GLY B 79 -15.68 9.23 -6.07
CA GLY B 79 -15.31 8.15 -5.14
C GLY B 79 -15.41 6.73 -5.70
N THR B 80 -15.17 6.59 -7.01
CA THR B 80 -15.23 5.29 -7.68
C THR B 80 -14.16 4.33 -7.14
N ASN B 81 -14.44 3.03 -7.25
CA ASN B 81 -13.53 1.99 -6.76
C ASN B 81 -13.26 0.87 -7.77
N PHE B 82 -13.67 1.09 -9.03
CA PHE B 82 -13.59 0.06 -10.07
C PHE B 82 -13.22 0.71 -11.40
N VAL B 83 -12.57 -0.07 -12.27
CA VAL B 83 -12.39 0.36 -13.65
C VAL B 83 -12.41 -0.84 -14.56
N ARG B 84 -13.11 -0.72 -15.67
CA ARG B 84 -12.98 -1.64 -16.79
C ARG B 84 -11.98 -0.99 -17.72
N PHE B 85 -10.75 -1.48 -17.67
CA PHE B 85 -9.65 -0.84 -18.36
C PHE B 85 -9.43 -1.53 -19.70
N LEU B 86 -9.57 -0.77 -20.80
CA LEU B 86 -9.45 -1.35 -22.14
C LEU B 86 -8.00 -1.68 -22.49
N ILE B 87 -7.77 -2.97 -22.77
CA ILE B 87 -6.55 -3.42 -23.43
C ILE B 87 -6.94 -3.95 -24.80
N SER B 88 -5.95 -4.32 -25.61
CA SER B 88 -6.22 -4.80 -26.97
C SER B 88 -5.29 -5.92 -27.37
N TRP B 89 -5.84 -6.88 -28.11
CA TRP B 89 -5.06 -7.99 -28.63
C TRP B 89 -3.92 -7.50 -29.52
N ARG B 90 -4.19 -6.47 -30.33
CA ARG B 90 -3.17 -5.90 -31.23
C ARG B 90 -1.98 -5.28 -30.49
N SER B 91 -2.21 -4.85 -29.25
CA SER B 91 -1.14 -4.32 -28.40
C SER B 91 -0.43 -5.44 -27.64
N VAL B 92 -1.19 -6.42 -27.16
CA VAL B 92 -0.63 -7.55 -26.42
C VAL B 92 0.22 -8.42 -27.34
N GLU B 93 -0.31 -8.72 -28.52
CA GLU B 93 0.36 -9.61 -29.47
C GLU B 93 0.44 -8.92 -30.84
N PRO B 94 1.32 -7.92 -30.98
CA PRO B 94 1.44 -7.14 -32.23
C PRO B 94 1.95 -7.95 -33.42
N ALA B 95 2.65 -9.05 -33.15
CA ALA B 95 3.08 -9.99 -34.17
C ALA B 95 2.85 -11.41 -33.64
N PRO B 96 2.64 -12.38 -34.54
CA PRO B 96 2.28 -13.74 -34.11
C PRO B 96 3.30 -14.35 -33.14
N GLY B 97 2.81 -14.73 -31.96
CA GLY B 97 3.63 -15.42 -30.96
C GLY B 97 4.57 -14.52 -30.18
N VAL B 98 4.49 -13.22 -30.40
CA VAL B 98 5.36 -12.25 -29.74
C VAL B 98 4.54 -11.28 -28.91
N TYR B 99 4.77 -11.28 -27.60
CA TYR B 99 4.03 -10.42 -26.68
C TYR B 99 4.84 -9.19 -26.34
N ASP B 100 4.17 -8.04 -26.35
CA ASP B 100 4.83 -6.76 -26.12
C ASP B 100 4.87 -6.48 -24.62
N GLN B 101 6.02 -6.75 -24.00
CA GLN B 101 6.18 -6.55 -22.56
C GLN B 101 6.29 -5.07 -22.21
N GLN B 102 6.67 -4.24 -23.18
CA GLN B 102 6.70 -2.79 -22.98
CA GLN B 102 6.71 -2.79 -23.01
C GLN B 102 5.29 -2.24 -22.90
N TYR B 103 4.39 -2.78 -23.72
CA TYR B 103 2.97 -2.42 -23.64
C TYR B 103 2.39 -2.83 -22.29
N LEU B 104 2.67 -4.07 -21.88
CA LEU B 104 2.23 -4.55 -20.57
C LEU B 104 2.81 -3.70 -19.45
N ASP B 105 4.07 -3.26 -19.60
CA ASP B 105 4.65 -2.29 -18.65
C ASP B 105 3.80 -1.03 -18.59
N ARG B 106 3.33 -0.54 -19.74
CA ARG B 106 2.47 0.63 -19.77
C ARG B 106 1.13 0.35 -19.08
N VAL B 107 0.57 -0.83 -19.31
CA VAL B 107 -0.70 -1.20 -18.66
C VAL B 107 -0.50 -1.25 -17.14
N GLU B 108 0.61 -1.84 -16.71
CA GLU B 108 0.96 -1.98 -15.30
C GLU B 108 1.13 -0.63 -14.61
N ASP B 109 1.76 0.31 -15.31
CA ASP B 109 1.89 1.69 -14.85
C ASP B 109 0.52 2.30 -14.54
N ARG B 110 -0.41 2.16 -15.49
CA ARG B 110 -1.76 2.68 -15.31
C ARG B 110 -2.50 2.00 -14.16
N VAL B 111 -2.41 0.68 -14.10
CA VAL B 111 -3.01 -0.09 -13.00
C VAL B 111 -2.47 0.38 -11.65
N GLY B 112 -1.19 0.74 -11.62
CA GLY B 112 -0.58 1.35 -10.44
C GLY B 112 -1.26 2.62 -9.96
N TRP B 113 -1.71 3.46 -10.89
CA TRP B 113 -2.46 4.66 -10.52
C TRP B 113 -3.71 4.23 -9.75
N TYR B 114 -4.39 3.23 -10.30
CA TYR B 114 -5.61 2.69 -9.71
C TYR B 114 -5.34 2.03 -8.35
N ALA B 115 -4.28 1.23 -8.28
CA ALA B 115 -3.94 0.51 -7.05
C ALA B 115 -3.66 1.49 -5.91
N GLU B 116 -2.92 2.55 -6.22
CA GLU B 116 -2.59 3.61 -5.25
C GLU B 116 -3.82 4.27 -4.61
N ARG B 117 -4.93 4.32 -5.35
CA ARG B 117 -6.15 4.97 -4.88
C ARG B 117 -7.25 3.96 -4.49
N GLY B 118 -6.83 2.70 -4.33
CA GLY B 118 -7.69 1.66 -3.78
C GLY B 118 -8.71 1.09 -4.74
N TYR B 119 -8.48 1.27 -6.04
CA TYR B 119 -9.36 0.72 -7.06
C TYR B 119 -9.12 -0.76 -7.27
N LYS B 120 -10.15 -1.46 -7.73
CA LYS B 120 -10.02 -2.79 -8.33
C LYS B 120 -10.14 -2.66 -9.84
N VAL B 121 -9.39 -3.49 -10.56
CA VAL B 121 -9.28 -3.36 -12.01
C VAL B 121 -9.81 -4.62 -12.70
N MET B 122 -10.64 -4.41 -13.73
CA MET B 122 -10.97 -5.45 -14.69
C MET B 122 -10.31 -5.12 -16.02
N LEU B 123 -9.46 -6.02 -16.52
CA LEU B 123 -8.84 -5.83 -17.83
C LEU B 123 -9.76 -6.39 -18.92
N ASP B 124 -10.09 -5.53 -19.88
CA ASP B 124 -11.04 -5.82 -20.96
C ASP B 124 -10.28 -5.97 -22.27
N MET B 125 -10.22 -7.19 -22.80
CA MET B 125 -9.66 -7.42 -24.14
C MET B 125 -10.68 -6.89 -25.15
N HIS B 126 -10.50 -5.65 -25.55
CA HIS B 126 -11.53 -4.90 -26.24
C HIS B 126 -11.41 -5.00 -27.75
N GLN B 127 -12.55 -5.18 -28.41
CA GLN B 127 -12.66 -5.06 -29.86
C GLN B 127 -14.02 -4.46 -30.22
N ASP B 128 -14.08 -3.76 -31.35
CA ASP B 128 -15.35 -3.47 -32.03
C ASP B 128 -15.09 -3.65 -33.52
N VAL B 129 -15.98 -4.37 -34.19
CA VAL B 129 -15.87 -4.65 -35.62
C VAL B 129 -14.54 -5.34 -35.94
N TYR B 130 -14.13 -6.22 -35.03
CA TYR B 130 -12.96 -7.08 -35.14
C TYR B 130 -11.59 -6.38 -35.03
N SER B 131 -11.37 -5.37 -35.86
CA SER B 131 -10.03 -4.75 -35.99
C SER B 131 -10.06 -3.45 -36.77
N GLY B 132 -9.06 -2.60 -36.54
CA GLY B 132 -8.85 -1.41 -37.37
C GLY B 132 -8.40 -1.76 -38.78
N ALA B 133 -7.91 -2.99 -38.97
CA ALA B 133 -7.42 -3.45 -40.27
C ALA B 133 -8.52 -3.80 -41.26
N ILE B 134 -9.79 -3.62 -40.87
CA ILE B 134 -10.92 -3.96 -41.74
C ILE B 134 -11.09 -2.97 -42.90
N THR B 135 -10.51 -1.78 -42.77
CA THR B 135 -10.40 -0.84 -43.88
C THR B 135 -9.02 -0.17 -43.85
N PRO B 136 -8.54 0.33 -45.01
CA PRO B 136 -7.29 1.07 -45.04
C PRO B 136 -7.39 2.40 -44.28
N GLY B 143 -4.25 -2.57 -36.60
CA GLY B 143 -5.23 -3.14 -35.69
C GLY B 143 -5.95 -2.11 -34.84
N ALA B 144 -5.25 -1.02 -34.51
CA ALA B 144 -5.87 0.10 -33.80
C ALA B 144 -6.79 0.86 -34.74
N GLY B 145 -7.83 1.48 -34.17
CA GLY B 145 -8.73 2.30 -34.98
C GLY B 145 -9.81 3.00 -34.19
N ALA B 146 -10.38 4.02 -34.82
CA ALA B 146 -11.43 4.83 -34.20
C ALA B 146 -12.78 4.12 -34.22
N ILE B 147 -13.07 3.44 -35.33
CA ILE B 147 -14.31 2.66 -35.47
C ILE B 147 -14.00 1.20 -35.19
N GLY B 148 -13.52 0.46 -36.19
CA GLY B 148 -13.02 -0.90 -35.98
C GLY B 148 -11.74 -0.87 -35.14
N ASN B 149 -11.62 -1.81 -34.20
CA ASN B 149 -10.44 -1.91 -33.34
C ASN B 149 -10.38 -3.28 -32.67
N GLY B 150 -9.16 -3.73 -32.34
CA GLY B 150 -8.98 -4.90 -31.49
C GLY B 150 -7.89 -5.86 -31.93
N ALA B 151 -8.23 -6.70 -32.90
CA ALA B 151 -7.31 -7.72 -33.37
C ALA B 151 -6.16 -7.10 -34.16
N PRO B 152 -4.98 -7.73 -34.10
CA PRO B 152 -3.88 -7.24 -34.94
C PRO B 152 -4.16 -7.53 -36.40
N ALA B 153 -3.53 -6.77 -37.28
CA ALA B 153 -3.69 -6.97 -38.72
C ALA B 153 -3.37 -8.41 -39.16
N TRP B 154 -2.33 -9.00 -38.58
CA TRP B 154 -1.95 -10.38 -38.93
C TRP B 154 -3.05 -11.41 -38.63
N ALA B 155 -3.92 -11.08 -37.69
CA ALA B 155 -5.04 -11.93 -37.29
C ALA B 155 -6.34 -11.61 -38.03
N THR B 156 -6.28 -10.66 -38.97
CA THR B 156 -7.46 -10.20 -39.72
C THR B 156 -7.45 -10.77 -41.14
N TYR B 157 -8.36 -11.70 -41.41
CA TYR B 157 -8.44 -12.40 -42.69
C TYR B 157 -9.81 -12.17 -43.32
N MET B 158 -9.89 -11.15 -44.17
CA MET B 158 -11.12 -10.81 -44.87
C MET B 158 -11.24 -11.50 -46.23
N ASP B 159 -10.15 -12.13 -46.67
CA ASP B 159 -10.11 -12.91 -47.92
C ASP B 159 -10.60 -12.09 -49.13
N GLY B 160 -10.26 -10.80 -49.15
CA GLY B 160 -10.58 -9.93 -50.28
C GLY B 160 -12.02 -9.45 -50.35
N LEU B 161 -12.85 -9.84 -49.39
CA LEU B 161 -14.27 -9.48 -49.41
C LEU B 161 -14.44 -8.02 -48.96
N PRO B 162 -15.42 -7.31 -49.56
CA PRO B 162 -15.52 -5.86 -49.35
C PRO B 162 -15.98 -5.42 -47.96
N VAL B 163 -15.57 -4.20 -47.61
CA VAL B 163 -16.08 -3.49 -46.44
C VAL B 163 -16.32 -2.04 -46.86
N GLU B 164 -17.44 -1.80 -47.54
CA GLU B 164 -17.76 -0.47 -48.06
C GLU B 164 -18.28 0.46 -46.96
N PRO B 165 -18.15 1.78 -47.16
CA PRO B 165 -18.64 2.75 -46.17
C PRO B 165 -20.11 2.56 -45.81
N GLN B 166 -20.42 2.66 -44.52
CA GLN B 166 -21.79 2.51 -44.01
C GLN B 166 -22.21 3.75 -43.22
N PRO B 167 -23.52 4.05 -43.19
CA PRO B 167 -24.01 5.28 -42.53
C PRO B 167 -23.95 5.26 -41.00
N ARG B 168 -23.87 4.08 -40.40
CA ARG B 168 -23.70 3.94 -38.96
C ARG B 168 -22.65 2.87 -38.71
N TRP B 169 -21.80 3.08 -37.70
CA TRP B 169 -20.64 2.21 -37.50
C TRP B 169 -21.02 0.75 -37.26
N GLU B 170 -22.13 0.51 -36.57
CA GLU B 170 -22.54 -0.87 -36.24
C GLU B 170 -22.80 -1.72 -37.47
N LEU B 171 -23.17 -1.09 -38.58
CA LEU B 171 -23.45 -1.81 -39.83
C LEU B 171 -22.19 -2.37 -40.51
N TYR B 172 -21.00 -1.91 -40.10
CA TYR B 172 -19.76 -2.52 -40.59
C TYR B 172 -19.65 -3.99 -40.17
N TYR B 173 -20.26 -4.33 -39.03
CA TYR B 173 -20.28 -5.73 -38.55
C TYR B 173 -20.77 -6.72 -39.61
N ILE B 174 -21.74 -6.32 -40.42
CA ILE B 174 -22.37 -7.25 -41.37
C ILE B 174 -21.84 -7.16 -42.80
N GLN B 175 -20.78 -6.38 -43.00
CA GLN B 175 -20.16 -6.32 -44.33
C GLN B 175 -19.40 -7.61 -44.61
N PRO B 176 -19.36 -8.04 -45.88
CA PRO B 176 -18.78 -9.34 -46.22
C PRO B 176 -17.39 -9.59 -45.63
N GLY B 177 -16.51 -8.60 -45.70
CA GLY B 177 -15.14 -8.75 -45.18
C GLY B 177 -15.09 -8.95 -43.68
N VAL B 178 -15.92 -8.20 -42.96
CA VAL B 178 -15.97 -8.27 -41.49
C VAL B 178 -16.57 -9.60 -41.05
N MET B 179 -17.67 -9.98 -41.68
CA MET B 179 -18.29 -11.28 -41.42
C MET B 179 -17.26 -12.41 -41.64
N ARG B 180 -16.46 -12.30 -42.70
CA ARG B 180 -15.42 -13.29 -42.98
C ARG B 180 -14.29 -13.29 -41.94
N ALA B 181 -13.85 -12.10 -41.54
CA ALA B 181 -12.81 -11.96 -40.50
C ALA B 181 -13.25 -12.69 -39.22
N PHE B 182 -14.50 -12.48 -38.83
CA PHE B 182 -15.06 -13.20 -37.68
C PHE B 182 -15.21 -14.70 -37.95
N ASP B 183 -15.72 -15.07 -39.12
CA ASP B 183 -15.90 -16.48 -39.47
C ASP B 183 -14.56 -17.23 -39.46
N ASN B 184 -13.50 -16.53 -39.86
CA ASN B 184 -12.16 -17.09 -39.79
C ASN B 184 -11.67 -17.19 -38.34
N PHE B 185 -11.86 -16.13 -37.56
CA PHE B 185 -11.47 -16.15 -36.15
C PHE B 185 -12.10 -17.30 -35.37
N TRP B 186 -13.41 -17.50 -35.54
CA TRP B 186 -14.11 -18.60 -34.85
C TRP B 186 -13.87 -19.96 -35.51
N ASN B 187 -13.13 -19.94 -36.62
CA ASN B 187 -12.86 -21.11 -37.45
C ASN B 187 -14.12 -21.78 -38.00
N THR B 188 -15.16 -20.97 -38.20
CA THR B 188 -16.36 -21.40 -38.92
C THR B 188 -16.00 -21.81 -40.35
N THR B 189 -14.98 -21.17 -40.91
CA THR B 189 -14.49 -21.46 -42.26
C THR B 189 -13.64 -22.74 -42.32
N GLY B 190 -13.13 -23.18 -41.17
CA GLY B 190 -12.20 -24.31 -41.11
C GLY B 190 -10.76 -23.97 -41.48
N LYS B 191 -10.52 -22.72 -41.88
CA LYS B 191 -9.22 -22.30 -42.42
C LYS B 191 -8.25 -21.74 -41.36
N HIS B 192 -8.75 -21.42 -40.16
CA HIS B 192 -7.91 -20.78 -39.14
C HIS B 192 -8.15 -21.29 -37.73
N PRO B 193 -7.85 -22.58 -37.49
CA PRO B 193 -7.97 -23.11 -36.14
C PRO B 193 -6.98 -22.46 -35.15
N GLU B 194 -5.94 -21.82 -35.67
CA GLU B 194 -4.88 -21.21 -34.84
C GLU B 194 -5.32 -19.94 -34.11
N LEU B 195 -6.32 -19.23 -34.62
CA LEU B 195 -6.61 -17.88 -34.14
C LEU B 195 -7.09 -17.87 -32.70
N VAL B 196 -8.03 -18.74 -32.36
CA VAL B 196 -8.49 -18.85 -30.97
C VAL B 196 -7.33 -19.26 -30.05
N GLU B 197 -6.46 -20.16 -30.52
CA GLU B 197 -5.27 -20.56 -29.77
C GLU B 197 -4.33 -19.39 -29.46
N HIS B 198 -4.06 -18.56 -30.48
CA HIS B 198 -3.31 -17.31 -30.27
C HIS B 198 -3.97 -16.45 -29.21
N TYR B 199 -5.29 -16.25 -29.36
CA TYR B 199 -6.07 -15.43 -28.45
C TYR B 199 -5.95 -15.91 -26.99
N ALA B 200 -6.08 -17.23 -26.80
CA ALA B 200 -6.00 -17.83 -25.45
C ALA B 200 -4.61 -17.62 -24.85
N LYS B 201 -3.58 -17.79 -25.66
CA LYS B 201 -2.20 -17.63 -25.17
C LYS B 201 -1.82 -16.18 -24.99
N ALA B 202 -2.46 -15.29 -25.73
CA ALA B 202 -2.30 -13.87 -25.54
C ALA B 202 -2.86 -13.51 -24.16
N TRP B 203 -4.03 -14.07 -23.83
CA TRP B 203 -4.61 -13.88 -22.49
C TRP B 203 -3.72 -14.45 -21.39
N ARG B 204 -3.15 -15.63 -21.62
CA ARG B 204 -2.20 -16.23 -20.68
CA ARG B 204 -2.20 -16.23 -20.68
C ARG B 204 -1.04 -15.28 -20.40
N ALA B 205 -0.54 -14.61 -21.45
CA ALA B 205 0.56 -13.65 -21.32
C ALA B 205 0.19 -12.50 -20.40
N VAL B 206 -1.01 -11.96 -20.60
CA VAL B 206 -1.54 -10.89 -19.75
C VAL B 206 -1.70 -11.37 -18.31
N ALA B 207 -2.27 -12.56 -18.14
CA ALA B 207 -2.52 -13.09 -16.80
C ALA B 207 -1.20 -13.38 -16.08
N ASP B 208 -0.17 -13.73 -16.85
CA ASP B 208 1.15 -14.01 -16.27
C ASP B 208 1.75 -12.75 -15.67
N ARG B 209 1.55 -11.62 -16.33
CA ARG B 209 2.01 -10.33 -15.82
C ARG B 209 1.22 -9.89 -14.59
N PHE B 210 -0.09 -10.12 -14.58
CA PHE B 210 -0.96 -9.54 -13.56
C PHE B 210 -1.45 -10.47 -12.45
N ALA B 211 -1.05 -11.75 -12.49
CA ALA B 211 -1.44 -12.73 -11.46
C ALA B 211 -1.16 -12.25 -10.04
N ASP B 212 -0.01 -11.62 -9.83
CA ASP B 212 0.39 -11.16 -8.49
C ASP B 212 0.05 -9.69 -8.23
N ASN B 213 -0.78 -9.09 -9.08
CA ASN B 213 -1.15 -7.69 -8.94
C ASN B 213 -2.41 -7.59 -8.09
N ASP B 214 -2.25 -7.06 -6.88
CA ASP B 214 -3.33 -7.05 -5.89
C ASP B 214 -4.51 -6.15 -6.27
N ALA B 215 -4.32 -5.27 -7.26
CA ALA B 215 -5.39 -4.37 -7.71
C ALA B 215 -6.28 -4.99 -8.80
N VAL B 216 -5.76 -6.00 -9.50
CA VAL B 216 -6.51 -6.67 -10.57
C VAL B 216 -7.39 -7.76 -9.99
N VAL B 217 -8.69 -7.69 -10.26
CA VAL B 217 -9.64 -8.68 -9.74
C VAL B 217 -10.34 -9.51 -10.83
N ALA B 218 -10.28 -9.05 -12.07
CA ALA B 218 -11.08 -9.67 -13.13
C ALA B 218 -10.46 -9.51 -14.50
N TYR B 219 -10.67 -10.54 -15.34
CA TYR B 219 -10.31 -10.52 -16.74
C TYR B 219 -11.61 -10.67 -17.55
N ASP B 220 -11.95 -9.66 -18.33
CA ASP B 220 -13.12 -9.68 -19.23
C ASP B 220 -12.62 -10.17 -20.59
N LEU B 221 -12.88 -11.44 -20.88
CA LEU B 221 -12.19 -12.17 -21.96
C LEU B 221 -12.40 -11.63 -23.36
N MET B 222 -13.59 -11.15 -23.67
CA MET B 222 -13.86 -10.55 -24.97
C MET B 222 -15.00 -9.57 -24.91
N ASN B 223 -14.72 -8.34 -25.34
CA ASN B 223 -15.75 -7.33 -25.49
C ASN B 223 -16.72 -7.68 -26.59
N GLU B 224 -18.01 -7.62 -26.27
CA GLU B 224 -19.11 -7.77 -27.24
C GLU B 224 -18.86 -8.80 -28.34
N PRO B 225 -18.76 -10.08 -27.95
CA PRO B 225 -18.55 -11.17 -28.89
C PRO B 225 -19.57 -11.10 -30.02
N PHE B 226 -19.08 -11.22 -31.25
CA PHE B 226 -19.91 -11.21 -32.45
C PHE B 226 -19.60 -12.47 -33.23
N GLY B 227 -20.65 -13.18 -33.65
CA GLY B 227 -20.47 -14.52 -34.21
C GLY B 227 -20.36 -14.61 -35.72
N GLY B 228 -20.41 -13.48 -36.42
CA GLY B 228 -20.42 -13.48 -37.87
C GLY B 228 -21.64 -14.21 -38.40
N SER B 229 -21.41 -15.23 -39.24
CA SER B 229 -22.49 -16.03 -39.80
C SER B 229 -23.17 -16.96 -38.79
N LEU B 230 -22.58 -17.12 -37.60
CA LEU B 230 -23.21 -17.85 -36.48
C LEU B 230 -23.83 -16.83 -35.53
N GLN B 231 -25.08 -17.03 -35.16
CA GLN B 231 -25.78 -16.14 -34.22
C GLN B 231 -26.71 -16.92 -33.31
N GLY B 232 -26.88 -16.43 -32.08
CA GLY B 232 -27.70 -17.11 -31.09
C GLY B 232 -26.95 -18.26 -30.43
N PRO B 233 -27.69 -19.23 -29.84
CA PRO B 233 -27.07 -20.42 -29.23
C PRO B 233 -26.03 -21.16 -30.10
N ALA B 234 -26.29 -21.27 -31.40
CA ALA B 234 -25.32 -21.86 -32.34
C ALA B 234 -23.92 -21.24 -32.16
N PHE B 235 -23.90 -19.94 -31.86
CA PHE B 235 -22.65 -19.23 -31.63
C PHE B 235 -22.24 -19.33 -30.17
N GLU B 236 -23.12 -18.90 -29.27
CA GLU B 236 -22.79 -18.75 -27.86
C GLU B 236 -22.42 -20.06 -27.17
N ALA B 237 -23.21 -21.10 -27.45
CA ALA B 237 -22.97 -22.43 -26.88
C ALA B 237 -21.96 -23.24 -27.71
N GLY B 238 -21.57 -22.71 -28.86
CA GLY B 238 -20.60 -23.36 -29.74
C GLY B 238 -19.22 -22.75 -29.58
N PRO B 239 -18.72 -22.05 -30.63
CA PRO B 239 -17.35 -21.53 -30.58
C PRO B 239 -17.09 -20.49 -29.49
N LEU B 240 -18.10 -19.72 -29.08
CA LEU B 240 -17.89 -18.73 -28.03
C LEU B 240 -17.52 -19.42 -26.72
N ALA B 241 -18.39 -20.32 -26.24
CA ALA B 241 -18.14 -21.05 -25.00
C ALA B 241 -16.82 -21.81 -25.10
N ALA B 242 -16.53 -22.38 -26.26
CA ALA B 242 -15.29 -23.15 -26.46
C ALA B 242 -14.06 -22.25 -26.30
N MET B 243 -14.13 -21.03 -26.85
CA MET B 243 -13.03 -20.07 -26.73
C MET B 243 -12.86 -19.65 -25.27
N TYR B 244 -13.96 -19.36 -24.60
CA TYR B 244 -13.91 -19.05 -23.18
C TYR B 244 -13.24 -20.15 -22.37
N GLN B 245 -13.59 -21.41 -22.65
CA GLN B 245 -13.05 -22.55 -21.93
C GLN B 245 -11.54 -22.70 -22.15
N ARG B 246 -11.13 -22.63 -23.42
CA ARG B 246 -9.69 -22.68 -23.76
C ARG B 246 -8.90 -21.54 -23.11
N THR B 247 -9.50 -20.36 -23.06
CA THR B 247 -8.82 -19.17 -22.53
C THR B 247 -8.76 -19.23 -21.00
N THR B 248 -9.85 -19.69 -20.36
CA THR B 248 -9.88 -19.90 -18.91
C THR B 248 -8.79 -20.89 -18.50
N ASP B 249 -8.71 -22.00 -19.22
CA ASP B 249 -7.69 -23.02 -18.96
C ASP B 249 -6.27 -22.45 -19.10
N ALA B 250 -6.03 -21.68 -20.15
CA ALA B 250 -4.73 -21.02 -20.37
C ALA B 250 -4.38 -20.04 -19.26
N ILE B 251 -5.34 -19.23 -18.86
CA ILE B 251 -5.16 -18.27 -17.78
C ILE B 251 -4.83 -18.96 -16.46
N ARG B 252 -5.50 -20.08 -16.19
CA ARG B 252 -5.36 -20.81 -14.93
C ARG B 252 -4.05 -21.60 -14.84
N GLN B 253 -3.27 -21.60 -15.92
CA GLN B 253 -1.90 -22.12 -15.87
C GLN B 253 -0.97 -21.17 -15.13
N VAL B 254 -1.31 -19.88 -15.11
CA VAL B 254 -0.46 -18.84 -14.51
C VAL B 254 -1.16 -17.97 -13.44
N ASP B 255 -2.49 -18.07 -13.32
CA ASP B 255 -3.27 -17.24 -12.40
C ASP B 255 -4.45 -18.04 -11.86
N GLN B 256 -4.42 -18.34 -10.56
CA GLN B 256 -5.44 -19.17 -9.93
C GLN B 256 -6.62 -18.38 -9.37
N ASP B 257 -6.44 -17.10 -9.08
CA ASP B 257 -7.36 -16.36 -8.22
C ASP B 257 -8.17 -15.24 -8.89
N THR B 258 -7.69 -14.71 -10.01
CA THR B 258 -8.41 -13.64 -10.69
C THR B 258 -9.70 -14.20 -11.27
N TRP B 259 -10.79 -13.44 -11.16
CA TRP B 259 -12.08 -13.85 -11.73
CA TRP B 259 -12.07 -13.85 -11.74
C TRP B 259 -12.01 -13.77 -13.25
N VAL B 260 -12.46 -14.84 -13.90
CA VAL B 260 -12.57 -14.87 -15.36
C VAL B 260 -14.00 -14.47 -15.69
N CYS B 261 -14.13 -13.37 -16.42
CA CYS B 261 -15.44 -12.81 -16.73
C CYS B 261 -15.80 -13.02 -18.18
N VAL B 262 -17.01 -13.53 -18.39
CA VAL B 262 -17.48 -13.93 -19.72
C VAL B 262 -18.74 -13.15 -20.08
N ALA B 263 -18.83 -12.75 -21.35
CA ALA B 263 -19.97 -12.01 -21.86
C ALA B 263 -20.80 -12.89 -22.80
N PRO B 264 -22.10 -12.57 -22.92
CA PRO B 264 -22.91 -13.22 -23.95
C PRO B 264 -22.57 -12.55 -25.27
N GLN B 265 -23.10 -13.03 -26.39
CA GLN B 265 -23.01 -12.25 -27.62
C GLN B 265 -23.74 -10.92 -27.37
N ALA B 266 -23.23 -9.83 -27.93
CA ALA B 266 -23.80 -8.51 -27.67
C ALA B 266 -25.08 -8.25 -28.46
N ILE B 267 -25.09 -8.60 -29.74
CA ILE B 267 -26.26 -8.31 -30.56
C ILE B 267 -27.46 -9.12 -30.04
N GLY B 268 -28.56 -8.43 -29.83
CA GLY B 268 -29.76 -9.01 -29.24
C GLY B 268 -29.76 -8.95 -27.72
N VAL B 269 -28.75 -9.56 -27.11
CA VAL B 269 -28.67 -9.65 -25.64
C VAL B 269 -28.50 -8.25 -25.00
N ASN B 270 -27.71 -7.38 -25.63
CA ASN B 270 -27.62 -5.96 -25.22
C ASN B 270 -28.98 -5.28 -25.14
N GLN B 271 -29.88 -5.73 -26.01
CA GLN B 271 -31.20 -5.13 -26.17
C GLN B 271 -32.30 -5.83 -25.35
N GLY B 272 -31.93 -6.82 -24.55
CA GLY B 272 -32.87 -7.48 -23.64
C GLY B 272 -33.32 -8.87 -24.05
N LEU B 273 -32.70 -9.43 -25.10
CA LEU B 273 -32.99 -10.81 -25.50
C LEU B 273 -32.18 -11.81 -24.66
N PRO B 274 -32.65 -13.06 -24.58
CA PRO B 274 -31.90 -14.08 -23.84
C PRO B 274 -30.57 -14.50 -24.47
N SER B 275 -29.64 -14.95 -23.62
CA SER B 275 -28.38 -15.54 -24.06
C SER B 275 -28.46 -17.06 -23.99
N GLY B 276 -27.81 -17.72 -24.96
CA GLY B 276 -27.63 -19.16 -24.93
C GLY B 276 -26.25 -19.59 -24.43
N LEU B 277 -25.52 -18.68 -23.79
CA LEU B 277 -24.21 -19.03 -23.22
C LEU B 277 -24.36 -20.14 -22.18
N THR B 278 -23.40 -21.08 -22.21
CA THR B 278 -23.43 -22.27 -21.37
C THR B 278 -22.28 -22.23 -20.36
N LYS B 279 -22.36 -23.12 -19.36
CA LYS B 279 -21.43 -23.10 -18.23
C LYS B 279 -19.98 -23.35 -18.64
N ILE B 280 -19.10 -22.50 -18.10
CA ILE B 280 -17.65 -22.59 -18.29
C ILE B 280 -17.06 -23.23 -17.04
N ASP B 281 -16.23 -24.25 -17.22
CA ASP B 281 -15.57 -24.92 -16.12
C ASP B 281 -14.32 -24.15 -15.71
N ASP B 282 -14.16 -23.99 -14.40
CA ASP B 282 -12.99 -23.34 -13.83
C ASP B 282 -12.12 -24.42 -13.20
N PRO B 283 -10.91 -24.65 -13.75
CA PRO B 283 -10.04 -25.71 -13.21
C PRO B 283 -9.39 -25.39 -11.84
N ARG B 284 -9.54 -24.17 -11.34
CA ARG B 284 -8.93 -23.83 -10.04
C ARG B 284 -9.43 -24.74 -8.93
N ALA B 285 -8.59 -24.96 -7.92
CA ALA B 285 -8.99 -25.72 -6.73
C ALA B 285 -10.06 -24.96 -5.95
N GLY B 286 -11.06 -25.68 -5.45
CA GLY B 286 -12.13 -25.08 -4.67
C GLY B 286 -13.26 -24.52 -5.52
N GLN B 287 -13.87 -23.45 -5.03
CA GLN B 287 -15.02 -22.83 -5.71
C GLN B 287 -14.59 -22.17 -7.01
N GLN B 288 -15.49 -22.16 -8.01
CA GLN B 288 -15.21 -21.51 -9.28
CA GLN B 288 -15.17 -21.51 -9.27
C GLN B 288 -15.16 -19.99 -9.12
N ARG B 289 -14.34 -19.34 -9.93
CA ARG B 289 -14.28 -17.89 -9.97
C ARG B 289 -14.52 -17.40 -11.40
N ILE B 290 -15.74 -17.66 -11.86
CA ILE B 290 -16.24 -17.15 -13.12
C ILE B 290 -17.29 -16.09 -12.78
N ALA B 291 -17.32 -15.00 -13.55
CA ALA B 291 -18.37 -13.98 -13.43
C ALA B 291 -18.96 -13.66 -14.80
N TYR B 292 -20.13 -13.03 -14.78
CA TYR B 292 -20.88 -12.73 -15.99
C TYR B 292 -20.90 -11.23 -16.21
N CYS B 293 -20.49 -10.78 -17.39
CA CYS B 293 -20.33 -9.34 -17.64
C CYS B 293 -21.05 -8.87 -18.91
N PRO B 294 -22.39 -8.92 -18.90
CA PRO B 294 -23.16 -8.43 -20.03
C PRO B 294 -23.17 -6.90 -20.09
N HIS B 295 -23.68 -6.36 -21.20
CA HIS B 295 -23.89 -4.92 -21.38
C HIS B 295 -25.38 -4.65 -21.54
N LEU B 296 -25.75 -3.38 -21.41
CA LEU B 296 -27.15 -2.96 -21.51
C LEU B 296 -27.26 -1.72 -22.39
N TYR B 297 -27.87 -1.88 -23.56
CA TYR B 297 -28.08 -0.80 -24.50
C TYR B 297 -29.47 -0.91 -25.13
N PRO B 298 -30.48 -0.36 -24.44
CA PRO B 298 -31.87 -0.42 -24.91
C PRO B 298 -32.06 0.21 -26.31
N LEU B 299 -32.86 -0.45 -27.15
CA LEU B 299 -33.06 -0.02 -28.54
C LEU B 299 -33.52 1.43 -28.69
N PRO B 300 -34.50 1.88 -27.88
CA PRO B 300 -35.00 3.25 -28.05
C PRO B 300 -33.92 4.34 -27.89
N LEU B 301 -32.91 4.07 -27.06
CA LEU B 301 -31.81 5.02 -26.88
C LEU B 301 -30.81 5.01 -28.05
N ASP B 302 -30.81 3.95 -28.86
CA ASP B 302 -29.96 3.91 -30.07
C ASP B 302 -30.68 4.50 -31.27
N HIS B 307 -35.58 9.41 -23.51
CA HIS B 307 -36.19 8.57 -22.47
C HIS B 307 -37.49 9.20 -21.98
N GLU B 308 -38.46 9.30 -22.90
CA GLU B 308 -39.78 9.85 -22.60
C GLU B 308 -40.84 9.17 -23.47
N GLY B 309 -42.10 9.25 -23.03
CA GLY B 309 -43.23 8.70 -23.79
C GLY B 309 -43.14 7.19 -23.99
N LEU B 310 -43.54 6.72 -25.17
CA LEU B 310 -43.50 5.29 -25.50
C LEU B 310 -42.06 4.76 -25.45
N ALA B 311 -41.09 5.55 -25.90
CA ALA B 311 -39.68 5.17 -25.81
C ALA B 311 -39.28 4.82 -24.38
N ARG B 312 -39.79 5.60 -23.42
CA ARG B 312 -39.52 5.34 -22.01
C ARG B 312 -40.10 3.99 -21.56
N THR B 313 -41.36 3.73 -21.91
CA THR B 313 -42.00 2.45 -21.61
C THR B 313 -41.17 1.29 -22.17
N LEU B 314 -40.79 1.43 -23.43
CA LEU B 314 -39.98 0.42 -24.12
C LEU B 314 -38.64 0.18 -23.43
N THR B 315 -38.01 1.26 -22.98
CA THR B 315 -36.73 1.14 -22.27
C THR B 315 -36.93 0.52 -20.89
N ASP B 316 -37.99 0.90 -20.18
CA ASP B 316 -38.27 0.32 -18.88
C ASP B 316 -38.49 -1.18 -18.93
N VAL B 317 -39.27 -1.63 -19.92
CA VAL B 317 -39.54 -3.06 -20.08
CA VAL B 317 -39.52 -3.07 -20.06
C VAL B 317 -38.27 -3.79 -20.55
N THR B 318 -37.43 -3.08 -21.32
CA THR B 318 -36.13 -3.64 -21.72
C THR B 318 -35.29 -3.97 -20.48
N ILE B 319 -35.25 -3.05 -19.53
CA ILE B 319 -34.51 -3.27 -18.28
C ILE B 319 -35.05 -4.49 -17.53
N ASP B 320 -36.37 -4.63 -17.47
CA ASP B 320 -36.99 -5.78 -16.81
C ASP B 320 -36.58 -7.10 -17.47
N ALA B 321 -36.63 -7.14 -18.80
CA ALA B 321 -36.26 -8.34 -19.55
C ALA B 321 -34.77 -8.63 -19.38
N TRP B 322 -33.96 -7.59 -19.52
CA TRP B 322 -32.51 -7.70 -19.36
C TRP B 322 -32.16 -8.30 -17.99
N ARG B 323 -32.80 -7.80 -16.95
CA ARG B 323 -32.54 -8.30 -15.59
C ARG B 323 -32.90 -9.79 -15.47
N ALA B 324 -34.10 -10.16 -15.92
CA ALA B 324 -34.52 -11.55 -15.85
C ALA B 324 -33.55 -12.47 -16.61
N ASN B 325 -33.14 -12.05 -17.80
CA ASN B 325 -32.24 -12.87 -18.62
C ASN B 325 -30.84 -12.94 -18.02
N THR B 326 -30.35 -11.81 -17.52
CA THR B 326 -29.04 -11.75 -16.89
C THR B 326 -28.99 -12.65 -15.66
N ALA B 327 -30.05 -12.59 -14.84
CA ALA B 327 -30.19 -13.48 -13.69
C ALA B 327 -30.15 -14.96 -14.09
N HIS B 328 -30.88 -15.30 -15.15
CA HIS B 328 -30.93 -16.68 -15.63
C HIS B 328 -29.55 -17.20 -16.03
N THR B 329 -28.85 -16.46 -16.88
CA THR B 329 -27.55 -16.92 -17.37
C THR B 329 -26.50 -16.96 -16.26
N ALA B 330 -26.59 -16.04 -15.30
CA ALA B 330 -25.69 -16.06 -14.15
C ALA B 330 -25.93 -17.33 -13.30
N ARG B 331 -27.17 -17.79 -13.25
CA ARG B 331 -27.48 -19.08 -12.62
C ARG B 331 -26.88 -20.23 -13.41
N VAL B 332 -27.11 -20.23 -14.73
CA VAL B 332 -26.59 -21.27 -15.62
C VAL B 332 -25.06 -21.43 -15.46
N LEU B 333 -24.37 -20.30 -15.35
CA LEU B 333 -22.92 -20.28 -15.23
C LEU B 333 -22.40 -20.78 -13.86
N GLY B 334 -23.31 -20.95 -12.89
CA GLY B 334 -22.97 -21.44 -11.56
C GLY B 334 -23.28 -20.48 -10.43
N ASP B 335 -24.44 -19.80 -10.51
CA ASP B 335 -24.84 -18.80 -9.54
C ASP B 335 -23.72 -17.78 -9.34
N VAL B 336 -23.28 -17.18 -10.44
CA VAL B 336 -22.06 -16.41 -10.45
C VAL B 336 -22.33 -14.93 -10.22
N PRO B 337 -21.27 -14.17 -9.83
CA PRO B 337 -21.41 -12.72 -9.74
C PRO B 337 -21.66 -12.05 -11.09
N ILE B 338 -22.30 -10.88 -11.05
CA ILE B 338 -22.65 -10.13 -12.25
C ILE B 338 -21.90 -8.79 -12.21
N ILE B 339 -21.35 -8.40 -13.36
CA ILE B 339 -20.84 -7.06 -13.56
C ILE B 339 -21.51 -6.50 -14.82
N LEU B 340 -22.21 -5.39 -14.67
CA LEU B 340 -22.73 -4.65 -15.82
C LEU B 340 -21.54 -3.93 -16.46
N GLY B 341 -20.97 -4.55 -17.49
CA GLY B 341 -19.71 -4.10 -18.06
C GLY B 341 -19.79 -2.80 -18.84
N GLU B 342 -20.94 -2.53 -19.44
CA GLU B 342 -21.22 -1.25 -20.07
C GLU B 342 -22.70 -0.91 -20.03
N PHE B 343 -22.98 0.36 -19.76
CA PHE B 343 -24.22 0.99 -20.17
C PHE B 343 -23.89 2.47 -20.22
N GLY B 344 -24.71 3.26 -20.90
CA GLY B 344 -24.45 4.68 -21.02
C GLY B 344 -25.30 5.36 -22.07
N LEU B 345 -25.29 6.69 -22.03
CA LEU B 345 -26.01 7.48 -23.01
C LEU B 345 -25.57 8.94 -22.93
N ASP B 346 -25.94 9.70 -23.96
CA ASP B 346 -25.80 11.14 -23.93
C ASP B 346 -26.61 11.70 -22.77
N THR B 347 -25.90 12.23 -21.76
CA THR B 347 -26.54 12.69 -20.53
C THR B 347 -27.40 13.96 -20.68
N THR B 348 -27.34 14.61 -21.85
CA THR B 348 -28.16 15.78 -22.12
C THR B 348 -29.55 15.43 -22.67
N LEU B 349 -29.80 14.15 -22.94
CA LEU B 349 -31.09 13.71 -23.46
C LEU B 349 -32.20 13.85 -22.40
N PRO B 350 -33.44 14.13 -22.84
CA PRO B 350 -34.57 14.15 -21.90
C PRO B 350 -34.71 12.81 -21.19
N GLY B 351 -34.84 12.84 -19.86
CA GLY B 351 -35.01 11.63 -19.06
C GLY B 351 -33.74 10.87 -18.76
N ALA B 352 -32.58 11.40 -19.16
CA ALA B 352 -31.30 10.68 -19.03
C ALA B 352 -30.98 10.35 -17.57
N ARG B 353 -31.16 11.30 -16.66
CA ARG B 353 -30.87 11.06 -15.24
C ARG B 353 -31.76 9.95 -14.67
N ASP B 354 -33.05 9.99 -14.99
CA ASP B 354 -33.98 8.95 -14.55
C ASP B 354 -33.56 7.56 -15.04
N TYR B 355 -33.13 7.48 -16.30
CA TYR B 355 -32.65 6.21 -16.86
C TYR B 355 -31.42 5.72 -16.09
N ILE B 356 -30.45 6.62 -15.91
CA ILE B 356 -29.21 6.26 -15.22
C ILE B 356 -29.53 5.79 -13.79
N GLU B 357 -30.40 6.51 -13.10
CA GLU B 357 -30.76 6.13 -11.73
C GLU B 357 -31.50 4.79 -11.67
N ARG B 358 -32.37 4.52 -12.64
CA ARG B 358 -33.06 3.23 -12.72
C ARG B 358 -32.06 2.07 -12.92
N VAL B 359 -31.11 2.26 -13.83
CA VAL B 359 -30.10 1.22 -14.09
C VAL B 359 -29.25 0.93 -12.86
N TYR B 360 -28.75 1.97 -12.18
CA TYR B 360 -27.97 1.76 -10.95
C TYR B 360 -28.80 1.12 -9.83
N GLY B 361 -30.07 1.48 -9.73
CA GLY B 361 -30.99 0.85 -8.79
C GLY B 361 -31.15 -0.62 -9.09
N THR B 362 -31.33 -0.94 -10.37
CA THR B 362 -31.40 -2.32 -10.81
C THR B 362 -30.11 -3.08 -10.50
N ALA B 363 -28.96 -2.50 -10.83
CA ALA B 363 -27.66 -3.11 -10.52
C ALA B 363 -27.52 -3.40 -9.02
N ARG B 364 -27.90 -2.41 -8.21
CA ARG B 364 -27.86 -2.55 -6.76
C ARG B 364 -28.69 -3.74 -6.27
N GLU B 365 -29.92 -3.84 -6.76
CA GLU B 365 -30.82 -4.93 -6.37
C GLU B 365 -30.28 -6.29 -6.81
N MET B 366 -29.60 -6.32 -7.97
CA MET B 366 -29.00 -7.53 -8.51
C MET B 366 -27.63 -7.90 -7.91
N GLY B 367 -27.08 -7.03 -7.07
CA GLY B 367 -25.74 -7.25 -6.53
C GLY B 367 -24.66 -7.16 -7.61
N ALA B 368 -24.92 -6.31 -8.61
CA ALA B 368 -24.04 -6.22 -9.78
C ALA B 368 -23.04 -5.07 -9.66
N GLY B 369 -21.82 -5.29 -10.13
CA GLY B 369 -20.86 -4.22 -10.34
C GLY B 369 -21.29 -3.40 -11.54
N VAL B 370 -20.75 -2.20 -11.69
CA VAL B 370 -21.07 -1.36 -12.83
C VAL B 370 -19.84 -0.62 -13.30
N SER B 371 -19.55 -0.72 -14.60
CA SER B 371 -18.61 0.17 -15.27
C SER B 371 -19.35 0.94 -16.37
N TYR B 372 -19.61 2.21 -16.09
CA TYR B 372 -20.30 3.12 -17.02
C TYR B 372 -19.47 3.38 -18.28
N TRP B 373 -20.12 3.42 -19.44
CA TRP B 373 -19.46 3.78 -20.70
C TRP B 373 -19.70 5.26 -21.00
N SER B 374 -18.70 6.14 -20.83
CA SER B 374 -17.33 5.83 -20.42
C SER B 374 -16.74 7.09 -19.81
N SER B 375 -15.46 7.02 -19.44
CA SER B 375 -14.77 8.17 -18.88
C SER B 375 -14.37 9.20 -19.94
N ASP B 376 -14.41 8.80 -21.21
CA ASP B 376 -14.01 9.69 -22.31
C ASP B 376 -14.74 11.04 -22.29
N PRO B 377 -14.04 12.13 -22.65
CA PRO B 377 -14.67 13.45 -22.67
C PRO B 377 -15.83 13.57 -23.65
N GLY B 378 -16.90 14.21 -23.21
CA GLY B 378 -18.11 14.39 -24.00
C GLY B 378 -19.36 14.24 -23.18
N PRO B 379 -20.54 14.48 -23.80
CA PRO B 379 -21.81 14.47 -23.10
C PRO B 379 -22.26 13.11 -22.51
N TRP B 380 -21.68 12.01 -22.99
CA TRP B 380 -21.93 10.69 -22.40
C TRP B 380 -21.25 10.54 -21.04
N GLY B 381 -20.07 11.19 -20.91
CA GLY B 381 -19.17 10.97 -19.79
C GLY B 381 -19.36 11.95 -18.66
N PRO B 382 -18.50 11.87 -17.63
CA PRO B 382 -18.59 12.76 -16.47
C PRO B 382 -18.12 14.19 -16.76
N TYR B 383 -17.23 14.36 -17.75
CA TYR B 383 -16.69 15.67 -18.11
C TYR B 383 -16.71 15.93 -19.62
N LEU B 384 -17.03 17.16 -19.98
CA LEU B 384 -16.91 17.64 -21.37
C LEU B 384 -15.42 17.87 -21.68
N PRO B 385 -15.04 17.96 -22.98
CA PRO B 385 -13.63 18.14 -23.36
C PRO B 385 -12.88 19.26 -22.63
N ASP B 386 -13.58 20.34 -22.28
CA ASP B 386 -12.98 21.47 -21.59
C ASP B 386 -12.91 21.31 -20.06
N GLY B 387 -13.36 20.15 -19.56
CA GLY B 387 -13.29 19.83 -18.13
C GLY B 387 -14.58 20.05 -17.37
N THR B 388 -15.55 20.74 -17.98
CA THR B 388 -16.86 20.98 -17.36
C THR B 388 -17.55 19.67 -17.02
N GLN B 389 -18.15 19.62 -15.82
CA GLN B 389 -18.90 18.44 -15.36
C GLN B 389 -20.25 18.32 -16.08
N THR B 390 -20.59 17.11 -16.47
CA THR B 390 -21.93 16.78 -16.97
C THR B 390 -22.82 16.47 -15.76
N LEU B 391 -24.10 16.20 -16.02
CA LEU B 391 -25.01 15.79 -14.95
C LEU B 391 -24.65 14.43 -14.35
N LEU B 392 -23.76 13.69 -15.01
CA LEU B 392 -23.36 12.37 -14.55
C LEU B 392 -22.65 12.42 -13.18
N VAL B 393 -21.86 13.45 -12.94
CA VAL B 393 -21.05 13.51 -11.71
C VAL B 393 -21.93 13.49 -10.45
N ASP B 394 -22.89 14.40 -10.37
CA ASP B 394 -23.80 14.45 -9.22
C ASP B 394 -24.68 13.20 -9.11
N THR B 395 -25.03 12.62 -10.26
CA THR B 395 -25.83 11.40 -10.27
C THR B 395 -25.05 10.21 -9.67
N LEU B 396 -23.76 10.10 -10.00
CA LEU B 396 -22.95 8.97 -9.54
C LEU B 396 -22.35 9.17 -8.15
N ASN B 397 -22.22 10.41 -7.71
CA ASN B 397 -21.53 10.69 -6.46
C ASN B 397 -22.44 10.51 -5.26
N LYS B 398 -22.70 9.24 -4.94
CA LYS B 398 -23.54 8.87 -3.80
C LYS B 398 -22.76 7.92 -2.88
N PRO B 399 -23.15 7.86 -1.59
CA PRO B 399 -22.51 6.90 -0.69
C PRO B 399 -22.77 5.47 -1.18
N TYR B 400 -21.79 4.59 -0.98
CA TYR B 400 -22.00 3.17 -1.25
C TYR B 400 -21.02 2.31 -0.45
N PRO B 401 -21.39 1.04 -0.18
CA PRO B 401 -20.45 0.13 0.46
C PRO B 401 -19.46 -0.38 -0.58
N ARG B 402 -18.17 -0.27 -0.31
CA ARG B 402 -17.13 -0.71 -1.25
C ARG B 402 -16.74 -2.17 -1.05
N ALA B 403 -16.55 -2.55 0.20
CA ALA B 403 -16.15 -3.91 0.55
C ALA B 403 -16.81 -4.26 1.86
N VAL B 404 -17.66 -5.28 1.84
CA VAL B 404 -18.51 -5.62 2.98
C VAL B 404 -18.04 -6.90 3.69
N ALA B 405 -17.93 -6.83 5.01
CA ALA B 405 -17.57 -7.99 5.81
C ALA B 405 -18.82 -8.87 5.98
N GLY B 406 -19.14 -9.58 4.91
CA GLY B 406 -20.36 -10.37 4.82
C GLY B 406 -21.10 -10.08 3.52
N THR B 407 -22.18 -10.80 3.31
CA THR B 407 -22.97 -10.67 2.10
C THR B 407 -24.00 -9.57 2.27
N PRO B 408 -23.91 -8.49 1.46
CA PRO B 408 -24.97 -7.50 1.54
C PRO B 408 -26.26 -8.08 0.96
N THR B 409 -27.34 -8.03 1.72
CA THR B 409 -28.65 -8.51 1.29
C THR B 409 -29.43 -7.41 0.61
N GLU B 410 -29.27 -6.19 1.11
CA GLU B 410 -29.84 -5.00 0.50
C GLU B 410 -29.15 -3.76 1.02
N TRP B 411 -29.21 -2.69 0.24
CA TRP B 411 -28.76 -1.40 0.70
C TRP B 411 -29.44 -0.29 -0.08
N SER B 412 -29.28 0.93 0.41
CA SER B 412 -29.84 2.10 -0.24
C SER B 412 -28.97 3.29 0.09
N SER B 413 -28.95 4.30 -0.77
CA SER B 413 -28.29 5.53 -0.43
C SER B 413 -28.94 6.75 -1.07
N THR B 414 -28.87 7.85 -0.34
CA THR B 414 -29.20 9.17 -0.84
C THR B 414 -27.95 10.01 -0.60
N SER B 415 -28.00 11.30 -0.94
CA SER B 415 -26.83 12.16 -0.79
CA SER B 415 -26.83 12.17 -0.79
C SER B 415 -26.29 12.21 0.63
N ASP B 416 -27.18 12.10 1.62
CA ASP B 416 -26.79 12.20 3.03
C ASP B 416 -27.23 11.01 3.90
N ARG B 417 -27.33 9.83 3.31
CA ARG B 417 -27.71 8.64 4.06
C ARG B 417 -27.30 7.37 3.34
N LEU B 418 -26.74 6.42 4.09
CA LEU B 418 -26.48 5.08 3.58
C LEU B 418 -27.04 4.09 4.58
N GLN B 419 -27.73 3.07 4.09
CA GLN B 419 -28.18 1.97 4.93
C GLN B 419 -27.82 0.67 4.23
N LEU B 420 -27.31 -0.28 4.99
CA LEU B 420 -26.83 -1.56 4.46
C LEU B 420 -27.21 -2.69 5.41
N THR B 421 -27.72 -3.80 4.88
CA THR B 421 -27.96 -4.99 5.68
C THR B 421 -27.01 -6.10 5.26
N ILE B 422 -26.41 -6.76 6.24
CA ILE B 422 -25.31 -7.69 6.03
C ILE B 422 -25.64 -9.06 6.62
N GLU B 423 -25.47 -10.11 5.83
CA GLU B 423 -25.45 -11.48 6.33
C GLU B 423 -24.09 -11.70 6.95
N PRO B 424 -24.04 -11.95 8.26
CA PRO B 424 -22.76 -12.00 8.94
C PRO B 424 -21.87 -13.17 8.53
N ASP B 425 -20.57 -12.95 8.61
CA ASP B 425 -19.56 -13.99 8.41
C ASP B 425 -18.47 -13.79 9.45
N ALA B 426 -18.48 -14.64 10.48
CA ALA B 426 -17.55 -14.50 11.61
C ALA B 426 -16.07 -14.71 11.23
N ALA B 427 -15.83 -15.35 10.09
CA ALA B 427 -14.47 -15.59 9.62
C ALA B 427 -13.77 -14.32 9.15
N ILE B 428 -14.55 -13.31 8.77
CA ILE B 428 -14.00 -12.06 8.23
C ILE B 428 -13.65 -11.09 9.36
N THR B 429 -12.37 -10.74 9.45
CA THR B 429 -11.88 -9.81 10.46
C THR B 429 -11.73 -8.39 9.90
N ALA B 430 -11.52 -8.25 8.59
CA ALA B 430 -11.39 -6.91 7.98
C ALA B 430 -12.71 -6.14 8.09
N PRO B 431 -12.65 -4.81 8.31
CA PRO B 431 -13.87 -4.02 8.49
C PRO B 431 -14.63 -3.80 7.19
N THR B 432 -15.93 -3.52 7.31
CA THR B 432 -16.70 -3.03 6.17
C THR B 432 -16.23 -1.63 5.80
N GLU B 433 -16.01 -1.40 4.51
CA GLU B 433 -15.45 -0.16 3.99
C GLU B 433 -16.48 0.55 3.11
N ILE B 434 -16.69 1.84 3.38
CA ILE B 434 -17.79 2.61 2.82
C ILE B 434 -17.31 3.97 2.32
N TYR B 435 -17.79 4.38 1.14
CA TYR B 435 -17.53 5.71 0.60
C TYR B 435 -18.62 6.68 1.01
N LEU B 436 -18.23 7.82 1.57
CA LEU B 436 -19.19 8.89 1.89
C LEU B 436 -18.79 10.18 1.21
N PRO B 437 -19.64 10.71 0.32
CA PRO B 437 -19.27 11.98 -0.34
C PRO B 437 -19.24 13.16 0.63
N GLU B 438 -18.29 14.07 0.44
CA GLU B 438 -18.19 15.26 1.30
C GLU B 438 -19.42 16.15 1.20
N ALA B 439 -20.02 16.19 0.01
CA ALA B 439 -21.21 16.99 -0.22
C ALA B 439 -22.26 16.77 0.87
N GLY B 440 -22.60 15.50 1.13
CA GLY B 440 -23.64 15.16 2.12
C GLY B 440 -23.12 14.83 3.50
N PHE B 441 -21.82 14.59 3.61
CA PHE B 441 -21.16 14.28 4.89
C PHE B 441 -19.97 15.22 5.10
N PRO B 442 -20.27 16.50 5.37
CA PRO B 442 -19.24 17.54 5.48
C PRO B 442 -18.36 17.51 6.73
N GLY B 443 -18.76 16.75 7.74
CA GLY B 443 -18.01 16.68 9.00
C GLY B 443 -17.90 15.26 9.51
N ASP B 444 -18.42 15.03 10.72
CA ASP B 444 -18.38 13.71 11.36
C ASP B 444 -19.55 12.84 10.92
N VAL B 445 -19.44 11.56 11.23
CA VAL B 445 -20.47 10.60 10.88
C VAL B 445 -21.17 10.09 12.13
N HIS B 446 -22.41 9.67 11.95
CA HIS B 446 -23.15 8.95 12.96
C HIS B 446 -23.50 7.59 12.40
N VAL B 447 -23.12 6.53 13.12
CA VAL B 447 -23.32 5.18 12.65
C VAL B 447 -24.11 4.37 13.68
N GLU B 448 -25.17 3.72 13.21
CA GLU B 448 -26.01 2.79 14.00
CA GLU B 448 -25.91 2.78 14.05
C GLU B 448 -25.82 1.38 13.48
N GLY B 449 -25.70 0.40 14.38
CA GLY B 449 -25.61 -1.00 14.00
C GLY B 449 -24.19 -1.48 13.79
N ALA B 450 -23.23 -0.58 13.91
CA ALA B 450 -21.81 -0.93 13.80
C ALA B 450 -20.95 0.02 14.63
N ASP B 451 -19.73 -0.43 14.94
CA ASP B 451 -18.75 0.40 15.62
C ASP B 451 -17.78 0.94 14.59
N VAL B 452 -17.52 2.25 14.67
CA VAL B 452 -16.63 2.92 13.72
C VAL B 452 -15.18 2.65 14.12
N VAL B 453 -14.42 2.01 13.23
CA VAL B 453 -13.00 1.73 13.49
C VAL B 453 -12.08 2.74 12.79
N GLY B 454 -12.59 3.42 11.75
CA GLY B 454 -11.87 4.51 11.12
C GLY B 454 -12.78 5.39 10.27
N TRP B 455 -12.48 6.69 10.22
CA TRP B 455 -13.20 7.62 9.35
C TRP B 455 -12.22 8.65 8.82
N ASP B 456 -11.84 8.48 7.54
CA ASP B 456 -10.80 9.27 6.91
C ASP B 456 -11.48 10.26 5.98
N ARG B 457 -11.48 11.52 6.39
CA ARG B 457 -12.16 12.60 5.67
C ARG B 457 -11.42 13.02 4.39
N GLN B 458 -10.20 12.53 4.21
CA GLN B 458 -9.40 12.80 3.03
C GLN B 458 -9.74 11.79 1.92
N SER B 459 -9.55 10.50 2.22
CA SER B 459 -9.88 9.42 1.28
C SER B 459 -11.40 9.19 1.17
N ARG B 460 -12.17 9.75 2.10
CA ARG B 460 -13.63 9.59 2.16
C ARG B 460 -14.07 8.16 2.51
N LEU B 461 -13.18 7.40 3.14
CA LEU B 461 -13.45 6.01 3.50
C LEU B 461 -13.80 5.85 4.97
N LEU B 462 -14.99 5.31 5.20
CA LEU B 462 -15.47 4.92 6.53
C LEU B 462 -15.29 3.43 6.70
N THR B 463 -14.69 3.01 7.81
CA THR B 463 -14.53 1.60 8.12
C THR B 463 -15.22 1.29 9.45
N VAL B 464 -16.03 0.24 9.45
CA VAL B 464 -16.82 -0.16 10.61
C VAL B 464 -16.78 -1.68 10.80
N ARG B 465 -17.10 -2.13 12.01
CA ARG B 465 -17.24 -3.54 12.32
C ARG B 465 -18.61 -3.81 12.94
N THR B 466 -19.14 -4.98 12.60
CA THR B 466 -20.47 -5.39 13.02
C THR B 466 -20.41 -6.72 13.76
N PRO B 467 -21.40 -6.98 14.65
CA PRO B 467 -21.44 -8.30 15.29
C PRO B 467 -21.76 -9.40 14.28
N ALA B 468 -21.22 -10.61 14.51
CA ALA B 468 -21.44 -11.73 13.61
C ALA B 468 -22.27 -12.87 14.24
N ASP B 469 -22.76 -12.63 15.46
CA ASP B 469 -23.50 -13.65 16.23
C ASP B 469 -24.93 -13.22 16.58
N SER B 470 -25.49 -12.28 15.82
CA SER B 470 -26.82 -11.74 16.09
CA SER B 470 -26.82 -11.74 16.09
C SER B 470 -27.72 -11.72 14.85
N GLY B 471 -27.38 -12.55 13.87
CA GLY B 471 -28.14 -12.61 12.62
C GLY B 471 -27.82 -11.43 11.74
N ASN B 472 -28.67 -11.18 10.75
CA ASN B 472 -28.43 -10.10 9.80
C ASN B 472 -28.38 -8.76 10.52
N VAL B 473 -27.40 -7.95 10.16
CA VAL B 473 -27.14 -6.67 10.80
C VAL B 473 -27.42 -5.55 9.81
N THR B 474 -28.16 -4.55 10.26
CA THR B 474 -28.42 -3.36 9.46
C THR B 474 -27.60 -2.19 10.00
N VAL B 475 -26.84 -1.57 9.11
CA VAL B 475 -25.96 -0.45 9.46
C VAL B 475 -26.48 0.79 8.77
N THR B 476 -26.65 1.87 9.54
CA THR B 476 -27.17 3.13 9.02
C THR B 476 -26.18 4.25 9.30
N VAL B 477 -25.79 4.95 8.23
CA VAL B 477 -24.78 5.99 8.32
C VAL B 477 -25.42 7.32 7.92
N THR B 478 -25.31 8.29 8.81
CA THR B 478 -25.89 9.62 8.60
C THR B 478 -24.88 10.67 9.06
N PRO B 479 -25.06 11.93 8.60
CA PRO B 479 -24.12 12.96 9.03
C PRO B 479 -24.33 13.32 10.50
N ALA B 480 -23.23 13.54 11.20
CA ALA B 480 -23.29 13.91 12.61
C ALA B 480 -23.83 15.33 12.74
N ALA B 481 -24.58 15.58 13.80
CA ALA B 481 -25.08 16.93 14.09
C ALA B 481 -23.91 17.86 14.38
#